data_1KFA
#
_entry.id   1KFA
#
_cell.length_a   118.076
_cell.length_b   150.146
_cell.length_c   106.870
_cell.angle_alpha   90.00
_cell.angle_beta   90.00
_cell.angle_gamma   90.00
#
_symmetry.space_group_name_H-M   'C 2 2 21'
#
loop_
_entity.id
_entity.type
_entity.pdbx_description
1 polymer 'monoclonal antibody light chain'
2 polymer 'monoclonal antibody heavy chain'
3 non-polymer 'GIBBERELLIN A4'
4 water water
#
loop_
_entity_poly.entity_id
_entity_poly.type
_entity_poly.pdbx_seq_one_letter_code
_entity_poly.pdbx_strand_id
1 'polypeptide(L)'
;DVVMTQTPLSLSVSLGDQASISCRSSQSLVHSNGNTYLHWYLQKPGQSPKLLIYKVSSRFSGFPDRFSGSGSGTDFTLKI
SRVEAEDLGVYFCSQSTHVPFTFGSGTKLEIKRADAGPTVSSFPPSSEQLTSGGASVVCFLNNFYPKDINVKWKIDGSER
QNGVLNSWTDQDSKDSTYSMSSTLTLTKDEYERHASYTCEAAHKTSTSPIAKSFNRA
;
L,M
2 'polypeptide(L)'
;EVMLVESGGGLVKPGGSLKLSCAASGFTFSSYAMSWVRQTPERRLEWVATITTRGYTFYPDSVKGRFTVSRDNARNTLNL
QMSSLRSEDTAMFYCTREGLLLDYFTMDYWGQGTSVTVSSAKTTPPSVYPLAP(UNK)(UNK)(UNK)(UNK)(UNK)
(UNK)(UNK)SMVTLGCLVKGYFPEPVTVTWNSGSLSSGVHTFPAVLQSDLYTLSSSVTVPSSSRPSETVTCNVAHPASS
TKVDKKIVPAD
;
H,I
#
loop_
_chem_comp.id
_chem_comp.type
_chem_comp.name
_chem_comp.formula
GA4 non-polymer 'GIBBERELLIN A4' 'C19 H24 O5'
#
# COMPACT_ATOMS: atom_id res chain seq x y z
N ASP A 1 -9.18 -17.25 -1.01
CA ASP A 1 -8.33 -17.04 -2.22
C ASP A 1 -6.84 -17.16 -1.90
N VAL A 2 -6.02 -17.14 -2.95
CA VAL A 2 -4.58 -17.25 -2.78
C VAL A 2 -3.95 -15.86 -2.76
N VAL A 3 -3.46 -15.47 -1.60
CA VAL A 3 -2.84 -14.15 -1.42
C VAL A 3 -1.41 -14.08 -1.92
N MET A 4 -1.16 -13.11 -2.80
CA MET A 4 0.15 -12.90 -3.41
C MET A 4 0.84 -11.66 -2.85
N THR A 5 1.88 -11.86 -2.06
CA THR A 5 2.61 -10.73 -1.51
C THR A 5 3.86 -10.44 -2.33
N GLN A 6 4.45 -9.26 -2.16
CA GLN A 6 5.65 -8.91 -2.90
C GLN A 6 6.61 -8.12 -2.01
N THR A 7 7.89 -8.23 -2.29
CA THR A 7 8.90 -7.53 -1.51
C THR A 7 10.14 -7.17 -2.31
N PRO A 8 10.59 -5.92 -2.18
CA PRO A 8 9.95 -4.93 -1.32
C PRO A 8 8.85 -4.24 -2.10
N LEU A 9 8.13 -3.32 -1.47
CA LEU A 9 7.06 -2.59 -2.13
C LEU A 9 7.65 -1.51 -3.02
N SER A 10 8.83 -1.05 -2.66
CA SER A 10 9.53 0.00 -3.40
C SER A 10 10.97 -0.41 -3.64
N LEU A 11 11.63 0.22 -4.61
CA LEU A 11 13.01 -0.12 -4.92
C LEU A 11 13.63 0.91 -5.88
N SER A 12 14.78 1.45 -5.51
CA SER A 12 15.50 2.44 -6.33
C SER A 12 16.88 1.90 -6.62
N VAL A 13 17.15 1.60 -7.89
CA VAL A 13 18.44 1.03 -8.28
C VAL A 13 19.21 1.92 -9.24
N SER A 14 20.53 1.81 -9.22
CA SER A 14 21.37 2.59 -10.10
C SER A 14 21.46 1.82 -11.41
N LEU A 15 21.56 2.54 -12.52
CA LEU A 15 21.67 1.89 -13.82
C LEU A 15 22.87 0.98 -13.79
N GLY A 16 22.81 -0.10 -14.55
CA GLY A 16 23.92 -1.04 -14.57
C GLY A 16 23.93 -1.92 -13.34
N ASP A 17 23.02 -1.65 -12.41
CA ASP A 17 22.93 -2.46 -11.20
C ASP A 17 21.84 -3.51 -11.31
N GLN A 18 21.80 -4.39 -10.31
CA GLN A 18 20.83 -5.47 -10.28
C GLN A 18 19.73 -5.24 -9.26
N ALA A 19 18.49 -5.45 -9.69
CA ALA A 19 17.33 -5.29 -8.86
C ALA A 19 16.75 -6.67 -8.59
N SER A 20 16.24 -6.87 -7.38
CA SER A 20 15.71 -8.16 -6.99
C SER A 20 14.34 -8.08 -6.30
N ILE A 21 13.31 -8.57 -6.99
CA ILE A 21 11.94 -8.55 -6.47
C ILE A 21 11.45 -9.94 -6.06
N SER A 22 10.94 -10.07 -4.84
CA SER A 22 10.43 -11.34 -4.36
C SER A 22 8.90 -11.36 -4.32
N CYS A 23 8.33 -12.55 -4.48
CA CYS A 23 6.88 -12.75 -4.48
C CYS A 23 6.58 -13.95 -3.61
N ARG A 24 5.69 -13.77 -2.64
CA ARG A 24 5.33 -14.83 -1.71
C ARG A 24 3.91 -15.32 -1.90
N SER A 25 3.75 -16.63 -2.03
CA SER A 25 2.45 -17.25 -2.23
C SER A 25 1.91 -17.91 -0.95
N SER A 26 0.64 -17.66 -0.66
CA SER A 26 -0.03 -18.21 0.51
C SER A 26 -0.21 -19.72 0.39
N GLN A 27 -0.03 -20.24 -0.82
CA GLN A 27 -0.16 -21.68 -1.07
C GLN A 27 0.82 -22.05 -2.15
N SER A 28 1.25 -23.31 -2.16
CA SER A 28 2.16 -23.76 -3.19
C SER A 28 1.46 -23.51 -4.52
N LEU A 29 2.22 -23.00 -5.50
CA LEU A 29 1.65 -22.73 -6.80
C LEU A 29 1.88 -23.90 -7.72
N VAL A 30 2.25 -25.05 -7.16
CA VAL A 30 2.47 -26.22 -7.99
C VAL A 30 1.11 -26.82 -8.34
N HIS A 31 0.81 -26.83 -9.63
CA HIS A 31 -0.46 -27.36 -10.14
C HIS A 31 -0.42 -28.87 -10.03
N SER A 32 -1.58 -29.51 -9.94
CA SER A 32 -1.61 -30.96 -9.87
C SER A 32 -0.90 -31.60 -11.08
N ASN A 33 -0.83 -30.87 -12.20
CA ASN A 33 -0.16 -31.42 -13.36
C ASN A 33 1.35 -31.27 -13.25
N GLY A 34 1.82 -30.67 -12.16
CA GLY A 34 3.25 -30.51 -11.97
C GLY A 34 3.83 -29.17 -12.36
N ASN A 35 3.08 -28.39 -13.15
CA ASN A 35 3.58 -27.09 -13.55
C ASN A 35 3.34 -26.06 -12.47
N THR A 36 4.12 -24.98 -12.52
CA THR A 36 3.98 -23.89 -11.57
C THR A 36 3.70 -22.63 -12.35
N TYR A 37 2.42 -22.27 -12.43
CA TYR A 37 2.02 -21.09 -13.17
C TYR A 37 2.06 -19.78 -12.40
N LEU A 38 3.29 -19.33 -12.14
CA LEU A 38 3.52 -18.06 -11.47
C LEU A 38 4.18 -17.25 -12.56
N HIS A 39 3.82 -15.97 -12.68
CA HIS A 39 4.39 -15.13 -13.71
C HIS A 39 4.64 -13.71 -13.24
N TRP A 40 5.44 -12.98 -14.00
CA TRP A 40 5.75 -11.60 -13.66
C TRP A 40 5.36 -10.61 -14.76
N TYR A 41 4.57 -9.61 -14.39
CA TYR A 41 4.19 -8.58 -15.34
C TYR A 41 4.91 -7.30 -14.96
N LEU A 42 5.01 -6.39 -15.93
CA LEU A 42 5.64 -5.09 -15.72
C LEU A 42 4.78 -4.07 -16.43
N GLN A 43 4.25 -3.13 -15.66
CA GLN A 43 3.40 -2.09 -16.20
C GLN A 43 4.15 -0.78 -16.13
N LYS A 44 4.64 -0.33 -17.29
CA LYS A 44 5.36 0.93 -17.35
C LYS A 44 4.35 2.04 -17.20
N PRO A 45 4.77 3.19 -16.67
CA PRO A 45 3.90 4.34 -16.46
C PRO A 45 3.01 4.64 -17.66
N GLY A 46 1.72 4.76 -17.42
CA GLY A 46 0.81 5.07 -18.50
C GLY A 46 0.56 3.95 -19.50
N GLN A 47 1.06 2.75 -19.22
CA GLN A 47 0.87 1.60 -20.10
C GLN A 47 0.21 0.44 -19.37
N SER A 48 -0.04 -0.64 -20.09
CA SER A 48 -0.67 -1.83 -19.51
C SER A 48 0.36 -2.91 -19.24
N PRO A 49 0.04 -3.87 -18.38
CA PRO A 49 0.98 -4.94 -18.06
C PRO A 49 1.52 -5.70 -19.27
N LYS A 50 2.80 -6.04 -19.20
CA LYS A 50 3.47 -6.79 -20.26
C LYS A 50 3.97 -8.06 -19.57
N LEU A 51 3.75 -9.22 -20.18
CA LEU A 51 4.21 -10.47 -19.60
C LEU A 51 5.71 -10.54 -19.77
N LEU A 52 6.41 -10.60 -18.64
CA LEU A 52 7.86 -10.61 -18.61
C LEU A 52 8.39 -12.04 -18.50
N ILE A 53 7.91 -12.75 -17.47
CA ILE A 53 8.31 -14.13 -17.23
C ILE A 53 7.11 -14.95 -16.76
N TYR A 54 6.93 -16.14 -17.32
CA TYR A 54 5.82 -17.00 -16.94
C TYR A 54 6.31 -18.40 -16.56
N LYS A 55 5.53 -19.10 -15.75
CA LYS A 55 5.91 -20.44 -15.32
C LYS A 55 7.23 -20.36 -14.60
N VAL A 56 7.34 -19.41 -13.68
CA VAL A 56 8.54 -19.19 -12.88
C VAL A 56 9.76 -18.62 -13.60
N SER A 57 10.25 -19.27 -14.65
CA SER A 57 11.45 -18.75 -15.30
C SER A 57 11.49 -18.55 -16.81
N SER A 58 10.40 -18.86 -17.50
CA SER A 58 10.38 -18.67 -18.95
C SER A 58 10.29 -17.20 -19.31
N ARG A 59 11.19 -16.73 -20.17
CA ARG A 59 11.19 -15.34 -20.58
C ARG A 59 10.24 -15.17 -21.77
N PHE A 60 9.18 -14.39 -21.60
CA PHE A 60 8.25 -14.19 -22.70
C PHE A 60 9.03 -13.47 -23.79
N SER A 61 9.54 -14.23 -24.75
CA SER A 61 10.33 -13.68 -25.86
C SER A 61 9.70 -12.38 -26.32
N GLY A 62 10.24 -11.33 -25.72
CA GLY A 62 9.85 -9.96 -25.94
C GLY A 62 10.99 -9.29 -25.19
N PHE A 63 11.17 -9.72 -23.94
CA PHE A 63 12.18 -9.19 -23.05
C PHE A 63 13.53 -9.93 -23.12
N PRO A 64 14.64 -9.24 -22.79
CA PRO A 64 16.01 -9.77 -22.80
C PRO A 64 16.38 -10.68 -21.63
N ASP A 65 17.57 -11.29 -21.75
CA ASP A 65 18.09 -12.23 -20.75
C ASP A 65 18.47 -11.60 -19.42
N ARG A 66 18.56 -10.27 -19.39
CA ARG A 66 18.92 -9.63 -18.14
C ARG A 66 17.77 -9.76 -17.16
N PHE A 67 16.65 -10.29 -17.66
CA PHE A 67 15.47 -10.54 -16.85
C PHE A 67 15.44 -12.04 -16.55
N SER A 68 15.54 -12.41 -15.28
CA SER A 68 15.52 -13.81 -14.93
C SER A 68 14.59 -14.07 -13.77
N GLY A 69 13.88 -15.20 -13.81
CA GLY A 69 12.96 -15.56 -12.75
C GLY A 69 13.27 -16.91 -12.14
N SER A 70 12.95 -17.08 -10.86
CA SER A 70 13.20 -18.35 -10.20
C SER A 70 12.40 -18.46 -8.92
N GLY A 71 12.52 -19.63 -8.28
CA GLY A 71 11.83 -19.91 -7.05
C GLY A 71 11.09 -21.21 -7.21
N SER A 72 10.25 -21.55 -6.25
CA SER A 72 9.46 -22.76 -6.30
C SER A 72 8.46 -22.74 -5.14
N GLY A 73 7.41 -23.55 -5.25
CA GLY A 73 6.41 -23.63 -4.19
C GLY A 73 5.64 -22.36 -3.88
N THR A 74 6.06 -21.65 -2.83
CA THR A 74 5.40 -20.42 -2.40
C THR A 74 6.32 -19.22 -2.46
N ASP A 75 7.60 -19.43 -2.78
CA ASP A 75 8.55 -18.33 -2.83
C ASP A 75 9.15 -18.17 -4.22
N PHE A 76 9.08 -16.96 -4.75
CA PHE A 76 9.63 -16.70 -6.08
C PHE A 76 10.39 -15.37 -6.12
N THR A 77 11.40 -15.31 -6.98
CA THR A 77 12.22 -14.10 -7.12
C THR A 77 12.47 -13.75 -8.56
N LEU A 78 12.56 -12.45 -8.81
CA LEU A 78 12.81 -11.92 -10.13
C LEU A 78 14.03 -11.01 -10.00
N LYS A 79 14.98 -11.18 -10.89
CA LYS A 79 16.18 -10.34 -10.86
C LYS A 79 16.37 -9.63 -12.19
N ILE A 80 16.79 -8.37 -12.12
CA ILE A 80 17.04 -7.58 -13.31
C ILE A 80 18.48 -7.08 -13.25
N SER A 81 19.35 -7.71 -14.04
CA SER A 81 20.75 -7.32 -14.07
C SER A 81 20.89 -6.11 -14.98
N ARG A 82 22.00 -5.40 -14.85
CA ARG A 82 22.27 -4.23 -15.68
C ARG A 82 20.99 -3.48 -15.99
N VAL A 83 20.40 -2.90 -14.95
CA VAL A 83 19.16 -2.15 -15.06
C VAL A 83 19.26 -1.00 -16.04
N GLU A 84 18.14 -0.70 -16.67
CA GLU A 84 18.04 0.39 -17.64
C GLU A 84 16.88 1.30 -17.28
N ALA A 85 16.92 2.53 -17.79
CA ALA A 85 15.85 3.48 -17.52
C ALA A 85 14.48 2.91 -17.90
N GLU A 86 14.40 2.26 -19.06
CA GLU A 86 13.14 1.68 -19.54
C GLU A 86 12.59 0.65 -18.57
N ASP A 87 13.41 0.23 -17.61
CA ASP A 87 12.99 -0.78 -16.66
C ASP A 87 12.09 -0.27 -15.53
N LEU A 88 12.13 1.04 -15.28
CA LEU A 88 11.29 1.61 -14.22
C LEU A 88 9.80 1.36 -14.49
N GLY A 89 9.05 1.17 -13.40
CA GLY A 89 7.63 0.92 -13.51
C GLY A 89 7.20 0.03 -12.38
N VAL A 90 6.01 -0.55 -12.50
CA VAL A 90 5.51 -1.44 -11.46
C VAL A 90 5.56 -2.90 -11.90
N TYR A 91 6.19 -3.73 -11.08
CA TYR A 91 6.30 -5.15 -11.37
C TYR A 91 5.30 -5.95 -10.56
N PHE A 92 4.54 -6.79 -11.23
CA PHE A 92 3.53 -7.60 -10.57
C PHE A 92 3.82 -9.08 -10.73
N CYS A 93 3.51 -9.86 -9.71
CA CYS A 93 3.63 -11.31 -9.89
C CYS A 93 2.19 -11.76 -9.95
N SER A 94 1.96 -12.90 -10.58
CA SER A 94 0.60 -13.39 -10.71
C SER A 94 0.59 -14.91 -10.66
N GLN A 95 -0.57 -15.48 -10.39
CA GLN A 95 -0.71 -16.94 -10.33
C GLN A 95 -1.93 -17.41 -11.13
N SER A 96 -1.78 -18.51 -11.84
CA SER A 96 -2.85 -19.08 -12.66
C SER A 96 -3.11 -20.52 -12.26
N THR A 97 -2.39 -21.01 -11.26
CA THR A 97 -2.60 -22.38 -10.83
C THR A 97 -3.97 -22.50 -10.17
N HIS A 98 -4.40 -21.43 -9.51
CA HIS A 98 -5.66 -21.45 -8.80
C HIS A 98 -6.66 -20.41 -9.26
N VAL A 99 -7.92 -20.79 -9.20
CA VAL A 99 -9.02 -19.92 -9.55
C VAL A 99 -9.75 -19.58 -8.26
N PRO A 100 -10.05 -18.31 -8.03
CA PRO A 100 -9.77 -17.13 -8.86
C PRO A 100 -8.29 -16.85 -9.09
N PHE A 101 -7.98 -16.26 -10.25
CA PHE A 101 -6.61 -15.91 -10.63
C PHE A 101 -6.26 -14.66 -9.82
N THR A 102 -5.11 -14.65 -9.16
CA THR A 102 -4.76 -13.49 -8.34
C THR A 102 -3.41 -12.84 -8.62
N PHE A 103 -3.34 -11.54 -8.29
CA PHE A 103 -2.14 -10.74 -8.48
C PHE A 103 -1.63 -10.17 -7.16
N GLY A 104 -0.36 -9.76 -7.16
CA GLY A 104 0.20 -9.15 -5.98
C GLY A 104 0.06 -7.64 -6.14
N SER A 105 0.30 -6.90 -5.06
CA SER A 105 0.18 -5.43 -5.10
C SER A 105 1.18 -4.83 -6.07
N GLY A 106 2.29 -5.52 -6.28
CA GLY A 106 3.31 -5.02 -7.19
C GLY A 106 4.46 -4.40 -6.43
N THR A 107 5.55 -4.15 -7.14
CA THR A 107 6.74 -3.54 -6.57
C THR A 107 7.18 -2.45 -7.53
N LYS A 108 7.35 -1.24 -7.01
CA LYS A 108 7.77 -0.13 -7.85
C LYS A 108 9.30 -0.13 -7.98
N LEU A 109 9.77 0.11 -9.19
CA LEU A 109 11.20 0.16 -9.47
C LEU A 109 11.58 1.56 -9.90
N GLU A 110 12.42 2.20 -9.11
CA GLU A 110 12.87 3.54 -9.43
C GLU A 110 14.36 3.47 -9.77
N ILE A 111 14.82 4.43 -10.55
CA ILE A 111 16.22 4.49 -10.95
C ILE A 111 16.90 5.51 -10.08
N LYS A 112 18.11 5.21 -9.63
CA LYS A 112 18.85 6.14 -8.80
C LYS A 112 19.68 7.04 -9.69
N ARG A 113 19.56 8.34 -9.48
CA ARG A 113 20.31 9.31 -10.26
C ARG A 113 20.84 10.45 -9.41
N ALA A 114 21.44 11.42 -10.08
CA ALA A 114 22.00 12.58 -9.40
C ALA A 114 20.88 13.54 -9.05
N ASP A 115 20.92 14.09 -7.84
CA ASP A 115 19.90 15.04 -7.39
C ASP A 115 19.78 16.13 -8.44
N ALA A 116 18.57 16.63 -8.63
CA ALA A 116 18.32 17.69 -9.61
C ALA A 116 17.31 18.67 -9.05
N GLY A 117 17.59 19.96 -9.19
CA GLY A 117 16.68 20.99 -8.70
C GLY A 117 15.44 21.14 -9.56
N PRO A 118 14.30 21.49 -8.95
CA PRO A 118 13.04 21.66 -9.67
C PRO A 118 12.97 22.98 -10.44
N THR A 119 12.20 22.99 -11.52
CA THR A 119 12.03 24.20 -12.31
C THR A 119 10.60 24.68 -12.11
N VAL A 120 10.34 25.25 -10.94
CA VAL A 120 9.01 25.72 -10.62
C VAL A 120 8.63 26.99 -11.37
N SER A 121 7.39 27.01 -11.85
CA SER A 121 6.85 28.12 -12.62
C SER A 121 5.43 28.39 -12.14
N SER A 122 5.13 29.65 -11.82
CA SER A 122 3.81 30.01 -11.35
C SER A 122 3.02 30.62 -12.50
N PHE A 123 1.72 30.40 -12.50
CA PHE A 123 0.86 30.92 -13.55
C PHE A 123 -0.40 31.55 -12.98
N PRO A 124 -0.55 32.87 -13.17
CA PRO A 124 -1.72 33.58 -12.66
C PRO A 124 -2.96 32.98 -13.29
N PRO A 125 -4.14 33.29 -12.74
CA PRO A 125 -5.37 32.74 -13.33
C PRO A 125 -5.37 33.19 -14.78
N SER A 126 -6.17 32.55 -15.62
CA SER A 126 -6.20 32.96 -17.01
C SER A 126 -7.35 33.93 -17.23
N SER A 127 -7.20 34.83 -18.20
CA SER A 127 -8.24 35.79 -18.49
C SER A 127 -9.58 35.08 -18.65
N GLU A 128 -9.60 34.00 -19.41
CA GLU A 128 -10.85 33.27 -19.60
C GLU A 128 -11.45 32.77 -18.29
N GLN A 129 -10.62 32.23 -17.40
CA GLN A 129 -11.16 31.74 -16.14
C GLN A 129 -11.85 32.83 -15.35
N LEU A 130 -11.16 33.94 -15.12
CA LEU A 130 -11.74 35.04 -14.35
C LEU A 130 -13.10 35.50 -14.83
N THR A 131 -13.37 35.38 -16.12
CA THR A 131 -14.66 35.81 -16.62
C THR A 131 -15.73 34.87 -16.10
N SER A 132 -15.33 33.64 -15.76
CA SER A 132 -16.28 32.66 -15.28
C SER A 132 -16.53 32.82 -13.78
N GLY A 133 -15.79 33.71 -13.14
CA GLY A 133 -15.96 33.91 -11.72
C GLY A 133 -15.10 32.97 -10.89
N GLY A 134 -14.21 32.24 -11.55
CA GLY A 134 -13.33 31.32 -10.86
C GLY A 134 -11.90 31.80 -11.03
N ALA A 135 -11.04 31.42 -10.10
CA ALA A 135 -9.65 31.81 -10.18
C ALA A 135 -8.71 30.72 -9.68
N SER A 136 -7.91 30.17 -10.59
CA SER A 136 -6.98 29.12 -10.22
C SER A 136 -5.57 29.54 -10.50
N VAL A 137 -4.67 29.32 -9.54
CA VAL A 137 -3.28 29.66 -9.75
C VAL A 137 -2.55 28.33 -9.74
N VAL A 138 -1.84 28.07 -10.84
CA VAL A 138 -1.11 26.82 -11.04
C VAL A 138 0.38 27.01 -10.81
N CYS A 139 1.03 25.94 -10.37
CA CYS A 139 2.45 25.97 -10.13
C CYS A 139 3.04 24.63 -10.55
N PHE A 140 4.14 24.66 -11.29
CA PHE A 140 4.77 23.43 -11.74
C PHE A 140 6.12 23.26 -11.06
N LEU A 141 6.39 22.04 -10.61
CA LEU A 141 7.65 21.67 -9.97
C LEU A 141 8.16 20.58 -10.91
N ASN A 142 8.73 20.99 -12.03
CA ASN A 142 9.19 20.05 -13.03
C ASN A 142 10.60 19.48 -12.92
N ASN A 143 10.73 18.26 -13.44
CA ASN A 143 11.98 17.49 -13.50
C ASN A 143 12.93 17.58 -12.30
N PHE A 144 12.48 17.11 -11.14
CA PHE A 144 13.33 17.14 -9.96
C PHE A 144 13.65 15.74 -9.44
N TYR A 145 14.67 15.67 -8.58
CA TYR A 145 15.08 14.40 -7.98
C TYR A 145 15.79 14.66 -6.65
N PRO A 146 15.46 13.88 -5.60
CA PRO A 146 14.50 12.77 -5.47
C PRO A 146 13.03 13.16 -5.63
N LYS A 147 12.15 12.20 -5.37
CA LYS A 147 10.71 12.42 -5.48
C LYS A 147 10.20 13.25 -4.30
N ASP A 148 10.99 13.26 -3.22
CA ASP A 148 10.63 14.02 -2.03
C ASP A 148 10.59 15.52 -2.32
N ILE A 149 9.46 16.15 -2.01
CA ILE A 149 9.29 17.58 -2.21
C ILE A 149 8.06 18.11 -1.49
N ASN A 150 8.10 19.37 -1.10
CA ASN A 150 7.00 19.99 -0.39
C ASN A 150 6.55 21.30 -1.07
N VAL A 151 5.25 21.47 -1.21
CA VAL A 151 4.73 22.69 -1.82
C VAL A 151 3.89 23.46 -0.80
N LYS A 152 4.08 24.77 -0.76
CA LYS A 152 3.36 25.61 0.17
C LYS A 152 2.88 26.89 -0.49
N TRP A 153 1.59 27.18 -0.37
CA TRP A 153 1.02 28.39 -0.95
C TRP A 153 0.86 29.46 0.12
N LYS A 154 0.94 30.71 -0.30
CA LYS A 154 0.77 31.82 0.62
C LYS A 154 0.09 32.98 -0.10
N ILE A 155 -1.00 33.47 0.47
CA ILE A 155 -1.72 34.58 -0.12
C ILE A 155 -1.30 35.80 0.70
N ASP A 156 -0.56 36.70 0.07
CA ASP A 156 -0.07 37.89 0.76
C ASP A 156 0.73 37.48 2.00
N GLY A 157 1.49 36.39 1.87
CA GLY A 157 2.34 35.92 2.95
C GLY A 157 1.79 34.93 3.95
N SER A 158 0.53 34.52 3.78
CA SER A 158 -0.14 33.58 4.68
C SER A 158 -0.38 32.21 3.98
N GLU A 159 0.01 31.13 4.64
CA GLU A 159 -0.17 29.80 4.08
C GLU A 159 -1.63 29.47 3.84
N ARG A 160 -1.90 28.86 2.69
CA ARG A 160 -3.25 28.49 2.30
C ARG A 160 -3.27 27.03 1.91
N GLN A 161 -4.25 26.28 2.40
CA GLN A 161 -4.35 24.86 2.08
C GLN A 161 -5.69 24.50 1.45
N ASN A 162 -6.71 25.29 1.74
CA ASN A 162 -8.04 25.05 1.20
C ASN A 162 -8.05 25.40 -0.29
N GLY A 163 -8.55 24.49 -1.12
CA GLY A 163 -8.59 24.75 -2.55
C GLY A 163 -7.26 24.48 -3.22
N VAL A 164 -6.43 23.69 -2.56
CA VAL A 164 -5.11 23.33 -3.06
C VAL A 164 -5.08 21.86 -3.47
N LEU A 165 -5.07 21.60 -4.76
CA LEU A 165 -5.02 20.24 -5.25
C LEU A 165 -3.62 19.92 -5.71
N ASN A 166 -3.16 18.69 -5.45
CA ASN A 166 -1.82 18.30 -5.87
C ASN A 166 -1.80 17.00 -6.67
N SER A 167 -0.79 16.91 -7.54
CA SER A 167 -0.63 15.75 -8.41
C SER A 167 0.85 15.54 -8.71
N TRP A 168 1.25 14.28 -8.78
CA TRP A 168 2.62 13.92 -9.07
C TRP A 168 2.63 12.98 -10.26
N THR A 169 3.70 12.99 -11.05
CA THR A 169 3.81 12.09 -12.18
C THR A 169 4.70 10.93 -11.76
N ASP A 170 4.85 9.95 -12.64
CA ASP A 170 5.72 8.82 -12.31
C ASP A 170 7.10 9.23 -12.76
N GLN A 171 8.10 8.49 -12.32
CA GLN A 171 9.46 8.80 -12.72
C GLN A 171 9.48 8.78 -14.23
N ASP A 172 10.18 9.74 -14.83
CA ASP A 172 10.30 9.81 -16.26
C ASP A 172 11.41 8.81 -16.61
N SER A 173 11.29 8.10 -17.74
CA SER A 173 12.30 7.13 -18.11
C SER A 173 13.37 7.69 -19.03
N LYS A 174 13.24 8.94 -19.43
CA LYS A 174 14.21 9.55 -20.32
C LYS A 174 15.31 10.27 -19.54
N ASP A 175 15.02 10.63 -18.28
CA ASP A 175 15.99 11.32 -17.43
C ASP A 175 15.88 10.93 -15.97
N SER A 176 15.04 9.94 -15.67
CA SER A 176 14.85 9.46 -14.31
C SER A 176 14.36 10.55 -13.37
N THR A 177 13.74 11.57 -13.94
CA THR A 177 13.26 12.69 -13.15
C THR A 177 11.83 12.53 -12.65
N TYR A 178 11.38 13.48 -11.83
CA TYR A 178 10.03 13.50 -11.28
C TYR A 178 9.45 14.89 -11.45
N SER A 179 8.12 14.97 -11.54
CA SER A 179 7.46 16.27 -11.70
C SER A 179 6.15 16.36 -10.92
N MET A 180 5.86 17.57 -10.45
CA MET A 180 4.64 17.81 -9.69
C MET A 180 3.98 19.12 -10.08
N SER A 181 2.67 19.15 -9.99
CA SER A 181 1.87 20.32 -10.30
C SER A 181 0.98 20.60 -9.09
N SER A 182 0.72 21.88 -8.83
CA SER A 182 -0.14 22.28 -7.71
C SER A 182 -1.06 23.39 -8.15
N THR A 183 -2.33 23.29 -7.77
CA THR A 183 -3.29 24.30 -8.16
C THR A 183 -4.07 24.84 -6.96
N LEU A 184 -4.05 26.15 -6.79
CA LEU A 184 -4.78 26.82 -5.71
C LEU A 184 -6.00 27.48 -6.33
N THR A 185 -7.17 26.87 -6.17
CA THR A 185 -8.39 27.42 -6.75
C THR A 185 -9.23 28.22 -5.75
N LEU A 186 -9.76 29.34 -6.22
CA LEU A 186 -10.63 30.19 -5.41
C LEU A 186 -11.47 31.10 -6.30
N THR A 187 -12.58 31.61 -5.77
CA THR A 187 -13.48 32.47 -6.54
C THR A 187 -12.82 33.77 -7.01
N LYS A 188 -13.34 34.33 -8.09
CA LYS A 188 -12.78 35.58 -8.58
C LYS A 188 -12.82 36.60 -7.44
N ASP A 189 -13.97 36.68 -6.77
CA ASP A 189 -14.18 37.60 -5.65
C ASP A 189 -13.01 37.64 -4.67
N GLU A 190 -12.61 36.48 -4.18
CA GLU A 190 -11.50 36.38 -3.25
C GLU A 190 -10.16 36.59 -3.94
N TYR A 191 -10.05 36.15 -5.19
CA TYR A 191 -8.82 36.33 -5.92
C TYR A 191 -8.47 37.82 -6.02
N GLU A 192 -9.42 38.63 -6.48
CA GLU A 192 -9.19 40.05 -6.63
C GLU A 192 -9.12 40.76 -5.28
N ARG A 193 -9.13 39.97 -4.21
CA ARG A 193 -9.09 40.53 -2.87
C ARG A 193 -7.66 40.60 -2.34
N HIS A 194 -6.77 39.83 -2.96
CA HIS A 194 -5.39 39.79 -2.51
C HIS A 194 -4.43 40.28 -3.56
N ALA A 195 -3.26 40.73 -3.11
CA ALA A 195 -2.26 41.26 -4.01
C ALA A 195 -1.17 40.26 -4.35
N SER A 196 -0.66 39.57 -3.33
CA SER A 196 0.41 38.58 -3.49
C SER A 196 -0.03 37.11 -3.48
N TYR A 197 0.54 36.34 -4.40
CA TYR A 197 0.26 34.91 -4.50
C TYR A 197 1.61 34.23 -4.67
N THR A 198 1.88 33.20 -3.85
CA THR A 198 3.15 32.52 -3.93
C THR A 198 3.12 31.01 -3.79
N CYS A 199 4.03 30.38 -4.53
CA CYS A 199 4.20 28.95 -4.55
C CYS A 199 5.58 28.74 -3.95
N GLU A 200 5.66 27.99 -2.86
CA GLU A 200 6.93 27.75 -2.19
C GLU A 200 7.26 26.27 -2.11
N ALA A 201 8.38 25.89 -2.71
CA ALA A 201 8.79 24.49 -2.72
C ALA A 201 10.07 24.23 -1.92
N ALA A 202 9.98 23.25 -1.03
CA ALA A 202 11.11 22.84 -0.21
C ALA A 202 11.61 21.52 -0.80
N HIS A 203 12.86 21.51 -1.24
CA HIS A 203 13.46 20.33 -1.84
C HIS A 203 14.88 20.11 -1.33
N LYS A 204 15.34 18.87 -1.40
CA LYS A 204 16.67 18.50 -0.94
C LYS A 204 17.79 19.35 -1.56
N THR A 205 17.76 19.50 -2.89
CA THR A 205 18.79 20.26 -3.61
C THR A 205 19.06 21.71 -3.19
N SER A 206 18.24 22.28 -2.32
CA SER A 206 18.46 23.66 -1.92
C SER A 206 18.22 23.88 -0.45
N THR A 207 19.03 24.75 0.16
CA THR A 207 18.90 25.05 1.57
C THR A 207 17.64 25.89 1.79
N SER A 208 17.59 27.06 1.17
CA SER A 208 16.41 27.93 1.30
C SER A 208 15.39 27.43 0.28
N PRO A 209 14.09 27.54 0.60
CA PRO A 209 13.05 27.08 -0.34
C PRO A 209 13.01 27.85 -1.66
N ILE A 210 12.66 27.15 -2.74
CA ILE A 210 12.55 27.77 -4.05
C ILE A 210 11.20 28.47 -4.15
N ALA A 211 11.22 29.80 -4.02
CA ALA A 211 9.97 30.55 -4.08
C ALA A 211 9.72 31.28 -5.38
N LYS A 212 8.49 31.15 -5.88
CA LYS A 212 8.05 31.81 -7.10
C LYS A 212 6.71 32.45 -6.78
N SER A 213 6.53 33.70 -7.21
CA SER A 213 5.27 34.36 -6.98
C SER A 213 5.05 35.52 -7.93
N PHE A 214 3.90 36.16 -7.81
CA PHE A 214 3.57 37.28 -8.65
C PHE A 214 2.51 38.07 -7.90
N ASN A 215 2.29 39.31 -8.34
CA ASN A 215 1.29 40.13 -7.69
C ASN A 215 0.22 40.54 -8.69
N ARG A 216 -1.03 40.27 -8.34
CA ARG A 216 -2.16 40.59 -9.18
C ARG A 216 -2.07 42.08 -9.52
N ALA A 217 -1.80 42.89 -8.49
CA ALA A 217 -1.67 44.34 -8.65
C ALA A 217 -0.85 44.67 -9.89
N VAL B 2 -0.20 -9.65 -32.06
CA VAL B 2 -1.37 -9.70 -31.12
C VAL B 2 -1.86 -8.30 -30.78
N MET B 3 -3.11 -8.03 -31.14
CA MET B 3 -3.70 -6.72 -30.90
C MET B 3 -5.06 -6.87 -30.21
N LEU B 4 -5.17 -6.33 -29.00
CA LEU B 4 -6.44 -6.35 -28.25
C LEU B 4 -6.78 -4.89 -27.96
N VAL B 5 -7.97 -4.47 -28.35
CA VAL B 5 -8.40 -3.09 -28.13
C VAL B 5 -9.78 -3.09 -27.50
N GLU B 6 -9.87 -2.63 -26.27
CA GLU B 6 -11.15 -2.60 -25.57
C GLU B 6 -11.90 -1.33 -25.93
N SER B 7 -13.22 -1.36 -25.73
CA SER B 7 -14.06 -0.21 -26.04
C SER B 7 -15.39 -0.28 -25.32
N GLY B 8 -16.11 0.85 -25.32
CA GLY B 8 -17.41 0.90 -24.68
C GLY B 8 -17.42 1.40 -23.25
N GLY B 9 -16.24 1.68 -22.71
CA GLY B 9 -16.18 2.16 -21.36
C GLY B 9 -16.96 3.45 -21.24
N GLY B 10 -17.45 3.74 -20.04
CA GLY B 10 -18.20 4.96 -19.85
C GLY B 10 -18.64 5.16 -18.41
N LEU B 11 -19.58 6.09 -18.22
CA LEU B 11 -20.12 6.41 -16.90
C LEU B 11 -21.55 5.91 -16.74
N VAL B 12 -21.77 5.08 -15.74
CA VAL B 12 -23.08 4.51 -15.45
C VAL B 12 -23.47 4.79 -14.02
N LYS B 13 -24.77 4.96 -13.79
CA LYS B 13 -25.28 5.21 -12.45
C LYS B 13 -25.36 3.87 -11.74
N PRO B 14 -25.29 3.89 -10.41
CA PRO B 14 -25.38 2.60 -9.69
C PRO B 14 -26.64 1.86 -10.14
N GLY B 15 -26.52 0.56 -10.36
CA GLY B 15 -27.66 -0.23 -10.78
C GLY B 15 -27.78 -0.29 -12.28
N GLY B 16 -26.95 0.48 -12.97
CA GLY B 16 -27.00 0.48 -14.42
C GLY B 16 -26.21 -0.64 -15.07
N SER B 17 -26.35 -0.77 -16.38
CA SER B 17 -25.66 -1.81 -17.12
C SER B 17 -24.79 -1.26 -18.24
N LEU B 18 -23.73 -1.98 -18.57
CA LEU B 18 -22.78 -1.55 -19.59
C LEU B 18 -22.25 -2.74 -20.38
N LYS B 19 -21.97 -2.54 -21.66
CA LYS B 19 -21.45 -3.61 -22.50
C LYS B 19 -20.10 -3.26 -23.11
N LEU B 20 -19.04 -3.90 -22.62
CA LEU B 20 -17.68 -3.66 -23.14
C LEU B 20 -17.32 -4.63 -24.26
N SER B 21 -16.45 -4.17 -25.15
CA SER B 21 -16.03 -4.99 -26.28
C SER B 21 -14.52 -5.05 -26.36
N CYS B 22 -14.03 -6.13 -26.95
CA CYS B 22 -12.60 -6.28 -27.12
C CYS B 22 -12.38 -6.86 -28.50
N ALA B 23 -11.87 -6.00 -29.38
CA ALA B 23 -11.56 -6.39 -30.75
C ALA B 23 -10.20 -7.06 -30.76
N ALA B 24 -10.10 -8.21 -31.41
CA ALA B 24 -8.83 -8.92 -31.46
C ALA B 24 -8.26 -9.06 -32.88
N SER B 25 -6.94 -9.12 -32.98
CA SER B 25 -6.27 -9.29 -34.26
C SER B 25 -4.86 -9.82 -34.03
N GLY B 26 -4.28 -10.41 -35.08
CA GLY B 26 -2.93 -10.91 -34.98
C GLY B 26 -2.77 -12.36 -34.53
N PHE B 27 -3.88 -13.04 -34.29
CA PHE B 27 -3.80 -14.44 -33.87
C PHE B 27 -5.17 -15.10 -34.03
N THR B 28 -5.16 -16.42 -34.05
CA THR B 28 -6.39 -17.20 -34.20
C THR B 28 -7.19 -17.03 -32.94
N PHE B 29 -8.04 -16.02 -32.93
CA PHE B 29 -8.88 -15.70 -31.79
C PHE B 29 -9.70 -16.88 -31.28
N SER B 30 -10.27 -17.69 -32.17
CA SER B 30 -11.10 -18.80 -31.71
C SER B 30 -10.40 -19.92 -30.95
N SER B 31 -9.07 -20.03 -31.05
CA SER B 31 -8.40 -21.09 -30.30
C SER B 31 -7.67 -20.58 -29.07
N TYR B 32 -8.33 -19.68 -28.33
CA TYR B 32 -7.78 -19.12 -27.12
C TYR B 32 -8.88 -18.73 -26.15
N ALA B 33 -8.64 -18.97 -24.87
CA ALA B 33 -9.60 -18.57 -23.85
C ALA B 33 -9.25 -17.10 -23.67
N MET B 34 -10.22 -16.27 -23.34
CA MET B 34 -9.97 -14.86 -23.14
C MET B 34 -10.46 -14.47 -21.77
N SER B 35 -10.01 -13.32 -21.27
CA SER B 35 -10.42 -12.89 -19.95
C SER B 35 -10.52 -11.39 -19.77
N TRP B 36 -11.16 -11.00 -18.67
CA TRP B 36 -11.29 -9.61 -18.32
C TRP B 36 -10.69 -9.41 -16.95
N VAL B 37 -9.84 -8.41 -16.84
CA VAL B 37 -9.21 -8.08 -15.58
C VAL B 37 -9.37 -6.57 -15.47
N ARG B 38 -9.64 -6.08 -14.29
CA ARG B 38 -9.83 -4.65 -14.11
C ARG B 38 -8.76 -4.11 -13.17
N GLN B 39 -8.30 -2.90 -13.42
CA GLN B 39 -7.33 -2.33 -12.51
C GLN B 39 -8.08 -1.25 -11.74
N THR B 40 -8.12 -1.42 -10.43
CA THR B 40 -8.82 -0.48 -9.55
C THR B 40 -8.05 0.83 -9.44
N PRO B 41 -8.72 1.90 -8.99
CA PRO B 41 -8.01 3.17 -8.84
C PRO B 41 -6.84 3.02 -7.89
N GLU B 42 -6.96 2.12 -6.91
CA GLU B 42 -5.90 1.88 -5.94
C GLU B 42 -4.81 1.12 -6.69
N ARG B 43 -5.07 0.87 -7.97
CA ARG B 43 -4.15 0.18 -8.87
C ARG B 43 -3.99 -1.33 -8.70
N ARG B 44 -4.97 -1.95 -8.04
CA ARG B 44 -4.95 -3.40 -7.87
C ARG B 44 -5.57 -4.06 -9.09
N LEU B 45 -4.94 -5.13 -9.57
CA LEU B 45 -5.45 -5.85 -10.73
C LEU B 45 -6.34 -6.95 -10.19
N GLU B 46 -7.57 -7.04 -10.67
CA GLU B 46 -8.47 -8.06 -10.19
C GLU B 46 -9.21 -8.77 -11.33
N TRP B 47 -8.93 -10.07 -11.49
CA TRP B 47 -9.55 -10.88 -12.53
C TRP B 47 -11.07 -10.77 -12.38
N VAL B 48 -11.80 -10.78 -13.49
CA VAL B 48 -13.24 -10.61 -13.42
C VAL B 48 -14.11 -11.58 -14.25
N ALA B 49 -13.48 -12.26 -15.20
CA ALA B 49 -14.20 -13.21 -16.03
C ALA B 49 -13.29 -13.84 -17.05
N THR B 50 -13.67 -15.04 -17.47
CA THR B 50 -12.91 -15.77 -18.46
C THR B 50 -13.89 -16.65 -19.22
N ILE B 51 -13.71 -16.72 -20.54
CA ILE B 51 -14.54 -17.56 -21.38
C ILE B 51 -13.66 -18.58 -22.07
N THR B 52 -14.18 -19.78 -22.17
CA THR B 52 -13.45 -20.86 -22.79
C THR B 52 -13.66 -20.91 -24.30
N THR B 53 -12.76 -21.63 -24.93
CA THR B 53 -12.77 -21.87 -26.35
C THR B 53 -14.13 -22.49 -26.73
N ARG B 54 -14.58 -23.47 -25.97
CA ARG B 54 -15.87 -24.10 -26.26
C ARG B 54 -17.05 -23.39 -25.62
N GLY B 55 -16.80 -22.22 -25.05
CA GLY B 55 -17.89 -21.47 -24.46
C GLY B 55 -18.12 -21.64 -22.97
N TYR B 56 -17.36 -22.50 -22.30
CA TYR B 56 -17.55 -22.63 -20.87
C TYR B 56 -17.24 -21.26 -20.27
N THR B 57 -17.91 -20.92 -19.19
CA THR B 57 -17.74 -19.61 -18.61
C THR B 57 -17.55 -19.67 -17.08
N PHE B 58 -16.65 -18.86 -16.54
CA PHE B 58 -16.49 -18.84 -15.08
C PHE B 58 -16.05 -17.49 -14.53
N TYR B 59 -16.38 -17.24 -13.26
CA TYR B 59 -16.08 -15.96 -12.61
C TYR B 59 -15.92 -16.05 -11.11
N PRO B 60 -15.50 -14.93 -10.49
CA PRO B 60 -15.32 -14.87 -9.04
C PRO B 60 -16.68 -14.47 -8.45
N ASP B 61 -16.97 -14.92 -7.23
CA ASP B 61 -18.24 -14.62 -6.56
C ASP B 61 -18.63 -13.14 -6.52
N SER B 62 -17.64 -12.27 -6.34
CA SER B 62 -17.89 -10.84 -6.26
C SER B 62 -18.60 -10.30 -7.49
N VAL B 63 -18.66 -11.11 -8.54
CA VAL B 63 -19.25 -10.68 -9.80
C VAL B 63 -20.40 -11.55 -10.31
N LYS B 64 -20.51 -12.74 -9.74
CA LYS B 64 -21.56 -13.65 -10.18
C LYS B 64 -22.96 -13.04 -10.21
N GLY B 65 -23.67 -13.33 -11.30
CA GLY B 65 -25.01 -12.82 -11.47
C GLY B 65 -25.08 -11.39 -11.97
N ARG B 66 -23.94 -10.79 -12.25
CA ARG B 66 -23.93 -9.42 -12.73
C ARG B 66 -23.17 -9.27 -14.05
N PHE B 67 -22.09 -10.04 -14.20
CA PHE B 67 -21.29 -9.98 -15.43
C PHE B 67 -21.47 -11.24 -16.26
N THR B 68 -21.30 -11.11 -17.57
CA THR B 68 -21.44 -12.21 -18.49
C THR B 68 -20.39 -12.08 -19.60
N VAL B 69 -19.42 -12.98 -19.66
CA VAL B 69 -18.43 -12.92 -20.73
C VAL B 69 -19.08 -13.58 -21.93
N SER B 70 -18.61 -13.22 -23.12
CA SER B 70 -19.12 -13.84 -24.33
C SER B 70 -18.16 -13.53 -25.44
N ARG B 71 -18.20 -14.32 -26.51
CA ARG B 71 -17.32 -14.12 -27.64
C ARG B 71 -18.00 -14.26 -29.00
N ASP B 72 -17.58 -13.42 -29.95
CA ASP B 72 -18.10 -13.45 -31.32
C ASP B 72 -16.93 -13.85 -32.21
N ASN B 73 -16.65 -15.14 -32.32
CA ASN B 73 -15.52 -15.60 -33.13
C ASN B 73 -15.48 -15.06 -34.55
N ALA B 74 -16.64 -15.01 -35.21
CA ALA B 74 -16.73 -14.51 -36.57
C ALA B 74 -16.22 -13.07 -36.62
N ARG B 75 -16.69 -12.25 -35.69
CA ARG B 75 -16.28 -10.86 -35.65
C ARG B 75 -15.00 -10.67 -34.85
N ASN B 76 -14.46 -11.77 -34.34
CA ASN B 76 -13.24 -11.72 -33.55
C ASN B 76 -13.39 -10.78 -32.34
N THR B 77 -14.50 -10.88 -31.62
CA THR B 77 -14.72 -9.98 -30.50
C THR B 77 -15.03 -10.62 -29.14
N LEU B 78 -14.35 -10.13 -28.11
CA LEU B 78 -14.61 -10.61 -26.76
C LEU B 78 -15.57 -9.57 -26.19
N ASN B 79 -16.59 -10.04 -25.48
CA ASN B 79 -17.57 -9.13 -24.90
C ASN B 79 -17.71 -9.30 -23.39
N LEU B 80 -18.17 -8.24 -22.75
CA LEU B 80 -18.41 -8.26 -21.32
C LEU B 80 -19.64 -7.42 -20.99
N GLN B 81 -20.74 -8.09 -20.65
CA GLN B 81 -22.01 -7.44 -20.29
C GLN B 81 -22.06 -7.30 -18.77
N MET B 82 -22.23 -6.07 -18.27
CA MET B 82 -22.27 -5.83 -16.84
C MET B 82 -23.60 -5.21 -16.40
N SER B 83 -24.27 -5.84 -15.43
CA SER B 83 -25.53 -5.33 -14.92
C SER B 83 -25.37 -5.07 -13.43
N SER B 84 -26.34 -4.36 -12.86
CA SER B 84 -26.32 -4.05 -11.44
C SER B 84 -24.94 -3.57 -11.04
N LEU B 85 -24.42 -2.64 -11.82
CA LEU B 85 -23.11 -2.09 -11.52
C LEU B 85 -23.16 -1.37 -10.19
N ARG B 86 -22.06 -1.46 -9.44
CA ARG B 86 -21.96 -0.85 -8.13
C ARG B 86 -20.74 0.05 -8.08
N SER B 87 -20.87 1.17 -7.38
CA SER B 87 -19.78 2.12 -7.25
C SER B 87 -18.39 1.50 -7.14
N GLU B 88 -18.23 0.44 -6.36
CA GLU B 88 -16.90 -0.15 -6.22
C GLU B 88 -16.44 -0.92 -7.45
N ASP B 89 -17.23 -0.86 -8.52
CA ASP B 89 -16.88 -1.53 -9.76
C ASP B 89 -15.98 -0.67 -10.63
N THR B 90 -16.05 0.64 -10.48
CA THR B 90 -15.26 1.53 -11.31
C THR B 90 -13.81 1.13 -11.38
N ALA B 91 -13.32 1.02 -12.61
CA ALA B 91 -11.95 0.63 -12.84
C ALA B 91 -11.64 0.63 -14.33
N MET B 92 -10.36 0.41 -14.62
CA MET B 92 -9.88 0.31 -15.99
C MET B 92 -10.06 -1.18 -16.32
N PHE B 93 -10.82 -1.47 -17.37
CA PHE B 93 -11.05 -2.86 -17.76
C PHE B 93 -10.22 -3.29 -18.95
N TYR B 94 -9.50 -4.39 -18.79
CA TYR B 94 -8.67 -4.93 -19.86
C TYR B 94 -9.11 -6.31 -20.30
N CYS B 95 -8.88 -6.64 -21.57
CA CYS B 95 -9.16 -8.00 -22.00
C CYS B 95 -7.77 -8.59 -22.11
N THR B 96 -7.65 -9.84 -21.71
CA THR B 96 -6.36 -10.49 -21.77
C THR B 96 -6.57 -11.80 -22.48
N ARG B 97 -5.50 -12.36 -23.01
CA ARG B 97 -5.59 -13.64 -23.69
C ARG B 97 -4.88 -14.73 -22.89
N GLU B 98 -5.48 -15.91 -22.84
CA GLU B 98 -4.88 -17.06 -22.16
C GLU B 98 -4.03 -17.67 -23.25
N GLY B 99 -2.84 -17.11 -23.43
CA GLY B 99 -1.98 -17.57 -24.50
C GLY B 99 -1.25 -18.89 -24.53
N LEU B 100 -1.03 -19.57 -23.41
CA LEU B 100 -0.29 -20.83 -23.45
C LEU B 100 -1.14 -21.94 -24.07
N LEU B 101 -1.37 -21.80 -25.37
CA LEU B 101 -2.18 -22.69 -26.18
C LEU B 101 -2.53 -24.07 -25.61
N LEU B 102 -1.66 -25.06 -25.70
CA LEU B 102 -2.04 -26.36 -25.16
C LEU B 102 -1.57 -26.64 -23.75
N ASP B 103 -1.52 -25.61 -22.92
CA ASP B 103 -1.05 -25.78 -21.56
C ASP B 103 -1.55 -24.71 -20.60
N TYR B 104 -2.51 -25.09 -19.77
CA TYR B 104 -3.13 -24.23 -18.78
C TYR B 104 -3.25 -22.71 -18.92
N PHE B 105 -4.01 -22.13 -17.99
CA PHE B 105 -4.26 -20.70 -17.92
C PHE B 105 -3.02 -19.89 -17.59
N THR B 106 -2.95 -18.71 -18.20
CA THR B 106 -1.86 -17.76 -18.05
C THR B 106 -2.17 -16.69 -19.08
N MET B 107 -2.09 -15.43 -18.66
CA MET B 107 -2.40 -14.34 -19.56
C MET B 107 -1.21 -13.80 -20.35
N ASP B 108 -1.38 -13.89 -21.66
CA ASP B 108 -0.40 -13.49 -22.65
C ASP B 108 -0.26 -11.98 -22.84
N TYR B 109 -1.21 -11.46 -23.61
CA TYR B 109 -1.29 -10.06 -23.96
C TYR B 109 -2.46 -9.35 -23.26
N TRP B 110 -2.28 -8.06 -23.05
CA TRP B 110 -3.31 -7.22 -22.43
C TRP B 110 -3.67 -6.16 -23.46
N GLY B 111 -4.89 -5.66 -23.38
CA GLY B 111 -5.33 -4.63 -24.31
C GLY B 111 -4.95 -3.26 -23.80
N GLN B 112 -5.47 -2.23 -24.44
CA GLN B 112 -5.20 -0.86 -24.05
C GLN B 112 -6.01 -0.48 -22.81
N GLY B 113 -7.13 -1.16 -22.60
CA GLY B 113 -7.99 -0.87 -21.46
C GLY B 113 -9.07 0.14 -21.81
N THR B 114 -10.24 0.00 -21.16
CA THR B 114 -11.34 0.93 -21.38
C THR B 114 -11.83 1.34 -20.00
N SER B 115 -11.97 2.64 -19.78
CA SER B 115 -12.38 3.17 -18.50
C SER B 115 -13.89 3.20 -18.24
N VAL B 116 -14.31 2.79 -17.05
CA VAL B 116 -15.71 2.80 -16.68
C VAL B 116 -15.92 3.30 -15.24
N THR B 117 -16.74 4.34 -15.11
CA THR B 117 -17.04 4.92 -13.81
C THR B 117 -18.50 4.70 -13.49
N VAL B 118 -18.76 4.14 -12.31
CA VAL B 118 -20.12 3.95 -11.88
C VAL B 118 -20.30 4.98 -10.78
N SER B 119 -21.20 5.93 -11.01
CA SER B 119 -21.42 6.98 -10.03
C SER B 119 -22.71 7.76 -10.29
N SER B 120 -23.12 8.57 -9.32
CA SER B 120 -24.34 9.36 -9.46
C SER B 120 -24.01 10.74 -9.98
N ALA B 121 -22.75 11.14 -9.84
CA ALA B 121 -22.30 12.43 -10.33
C ALA B 121 -22.63 12.46 -11.84
N LYS B 122 -22.98 13.64 -12.34
CA LYS B 122 -23.34 13.76 -13.76
C LYS B 122 -22.14 14.20 -14.61
N THR B 123 -22.03 13.65 -15.81
CA THR B 123 -20.93 13.99 -16.70
C THR B 123 -20.94 15.51 -16.95
N THR B 124 -19.76 16.12 -16.83
CA THR B 124 -19.59 17.56 -17.01
C THR B 124 -18.41 17.91 -17.91
N PRO B 125 -18.64 18.79 -18.91
CA PRO B 125 -17.57 19.18 -19.84
C PRO B 125 -16.50 19.93 -19.07
N PRO B 126 -15.28 19.93 -19.61
CA PRO B 126 -14.16 20.63 -18.98
C PRO B 126 -14.04 22.04 -19.50
N SER B 127 -13.34 22.87 -18.75
CA SER B 127 -13.09 24.25 -19.16
C SER B 127 -11.59 24.24 -19.35
N VAL B 128 -11.15 24.71 -20.51
CA VAL B 128 -9.73 24.69 -20.78
C VAL B 128 -9.12 26.06 -20.78
N TYR B 129 -8.32 26.33 -19.76
CA TYR B 129 -7.67 27.62 -19.63
C TYR B 129 -6.19 27.57 -19.94
N PRO B 130 -5.68 28.59 -20.66
CA PRO B 130 -4.25 28.67 -21.02
C PRO B 130 -3.40 29.11 -19.84
N LEU B 131 -2.16 28.66 -19.83
CA LEU B 131 -1.20 29.03 -18.78
C LEU B 131 0.04 29.59 -19.48
N ALA B 132 0.12 30.90 -19.53
CA ALA B 132 1.26 31.55 -20.17
C ALA B 132 1.95 32.45 -19.18
N PRO B 133 3.25 32.66 -19.35
CA PRO B 133 3.97 33.54 -18.42
C PRO B 133 3.60 35.01 -18.67
N SER B 141 16.51 30.81 -21.75
CA SER B 141 16.77 29.80 -22.81
C SER B 141 15.57 28.86 -23.00
N MET B 142 14.93 28.50 -21.89
CA MET B 142 13.76 27.61 -21.92
C MET B 142 12.53 28.29 -21.32
N VAL B 143 11.36 28.03 -21.91
CA VAL B 143 10.11 28.61 -21.42
C VAL B 143 9.07 27.52 -21.19
N THR B 144 8.31 27.64 -20.11
CA THR B 144 7.29 26.65 -19.80
C THR B 144 5.88 27.22 -19.84
N LEU B 145 5.01 26.52 -20.55
CA LEU B 145 3.62 26.92 -20.71
C LEU B 145 2.76 25.74 -20.27
N GLY B 146 1.46 25.98 -20.08
CA GLY B 146 0.60 24.90 -19.68
C GLY B 146 -0.85 25.13 -20.05
N CYS B 147 -1.71 24.24 -19.57
CA CYS B 147 -3.14 24.30 -19.79
C CYS B 147 -3.82 23.72 -18.57
N LEU B 148 -4.91 24.34 -18.15
CA LEU B 148 -5.64 23.88 -17.00
C LEU B 148 -6.96 23.32 -17.49
N VAL B 149 -7.15 22.01 -17.33
CA VAL B 149 -8.38 21.35 -17.72
C VAL B 149 -9.05 21.20 -16.38
N LYS B 150 -10.20 21.86 -16.21
CA LYS B 150 -10.87 21.85 -14.93
C LYS B 150 -12.36 21.60 -14.96
N GLY B 151 -12.85 21.09 -13.83
CA GLY B 151 -14.25 20.82 -13.62
C GLY B 151 -14.97 19.85 -14.54
N TYR B 152 -14.32 18.76 -14.94
CA TYR B 152 -14.96 17.80 -15.82
C TYR B 152 -15.27 16.47 -15.10
N PHE B 153 -16.14 15.67 -15.70
CA PHE B 153 -16.52 14.37 -15.15
C PHE B 153 -17.17 13.47 -16.20
N PRO B 154 -16.76 12.20 -16.25
CA PRO B 154 -15.74 11.61 -15.38
C PRO B 154 -14.45 11.55 -16.17
N GLU B 155 -13.61 10.60 -15.81
CA GLU B 155 -12.37 10.39 -16.54
C GLU B 155 -12.80 9.55 -17.73
N PRO B 156 -11.95 9.46 -18.75
CA PRO B 156 -10.64 10.13 -18.80
C PRO B 156 -10.67 11.33 -19.74
N VAL B 157 -9.50 11.90 -19.95
CA VAL B 157 -9.36 13.03 -20.84
C VAL B 157 -7.98 12.93 -21.50
N THR B 158 -7.90 13.22 -22.79
CA THR B 158 -6.61 13.14 -23.48
C THR B 158 -6.10 14.55 -23.74
N VAL B 159 -4.81 14.74 -23.52
CA VAL B 159 -4.17 16.03 -23.72
C VAL B 159 -2.95 15.87 -24.61
N THR B 160 -2.93 16.61 -25.71
CA THR B 160 -1.81 16.55 -26.60
C THR B 160 -1.42 18.00 -26.90
N TRP B 161 -0.18 18.19 -27.36
CA TRP B 161 0.27 19.52 -27.70
C TRP B 161 0.51 19.53 -29.19
N ASN B 162 0.34 20.70 -29.81
CA ASN B 162 0.52 20.81 -31.25
C ASN B 162 0.04 19.56 -31.97
N SER B 163 -1.21 19.17 -31.71
CA SER B 163 -1.81 18.00 -32.31
C SER B 163 -0.95 16.75 -32.23
N GLY B 164 -0.12 16.65 -31.20
CA GLY B 164 0.73 15.48 -31.04
C GLY B 164 2.20 15.69 -31.33
N SER B 165 2.55 16.79 -32.00
CA SER B 165 3.95 17.06 -32.35
C SER B 165 4.90 17.19 -31.16
N LEU B 166 4.61 18.12 -30.25
CA LEU B 166 5.45 18.31 -29.08
C LEU B 166 5.26 17.14 -28.14
N SER B 167 6.28 16.30 -28.03
CA SER B 167 6.21 15.13 -27.14
C SER B 167 7.11 15.39 -25.95
N SER B 168 8.39 15.63 -26.25
CA SER B 168 9.38 15.88 -25.23
C SER B 168 9.04 17.16 -24.47
N GLY B 169 9.43 17.18 -23.20
CA GLY B 169 9.20 18.34 -22.37
C GLY B 169 7.76 18.56 -22.04
N VAL B 170 6.98 17.49 -22.02
CA VAL B 170 5.55 17.58 -21.70
C VAL B 170 5.30 16.91 -20.37
N HIS B 171 4.43 17.51 -19.56
CA HIS B 171 4.07 16.94 -18.27
C HIS B 171 2.57 17.05 -18.06
N THR B 172 1.87 15.95 -18.30
CA THR B 172 0.42 15.91 -18.10
C THR B 172 0.27 15.19 -16.80
N PHE B 173 -0.17 15.94 -15.79
CA PHE B 173 -0.31 15.38 -14.46
C PHE B 173 -1.60 14.62 -14.29
N PRO B 174 -1.66 13.75 -13.28
CA PRO B 174 -2.88 12.98 -13.05
C PRO B 174 -3.97 13.88 -12.48
N ALA B 175 -5.16 13.79 -13.06
CA ALA B 175 -6.29 14.58 -12.61
C ALA B 175 -6.64 14.26 -11.15
N VAL B 176 -7.06 15.28 -10.41
CA VAL B 176 -7.45 15.13 -9.02
C VAL B 176 -8.94 15.39 -8.88
N LEU B 177 -9.58 14.76 -7.90
CA LEU B 177 -11.02 14.92 -7.67
C LEU B 177 -11.27 15.70 -6.38
N GLN B 178 -11.99 16.82 -6.46
CA GLN B 178 -12.28 17.63 -5.28
C GLN B 178 -13.74 17.57 -4.87
N SER B 179 -14.58 17.04 -5.75
CA SER B 179 -16.01 16.91 -5.46
C SER B 179 -16.55 15.81 -6.35
N ASP B 180 -17.16 16.21 -7.46
CA ASP B 180 -17.69 15.27 -8.43
C ASP B 180 -17.17 15.76 -9.77
N LEU B 181 -16.04 16.45 -9.71
CA LEU B 181 -15.41 16.99 -10.92
C LEU B 181 -13.90 16.82 -10.82
N TYR B 182 -13.28 16.55 -11.96
CA TYR B 182 -11.84 16.38 -11.98
C TYR B 182 -11.15 17.66 -12.42
N THR B 183 -9.83 17.66 -12.33
CA THR B 183 -9.05 18.80 -12.73
C THR B 183 -7.62 18.33 -12.94
N LEU B 184 -7.04 18.68 -14.07
CA LEU B 184 -5.66 18.30 -14.36
C LEU B 184 -4.95 19.39 -15.12
N SER B 185 -3.64 19.39 -15.00
CA SER B 185 -2.81 20.36 -15.69
C SER B 185 -1.78 19.62 -16.53
N SER B 186 -1.28 20.30 -17.54
CA SER B 186 -0.28 19.72 -18.41
C SER B 186 0.69 20.84 -18.77
N SER B 187 1.99 20.61 -18.56
CA SER B 187 2.96 21.63 -18.89
C SER B 187 3.84 21.22 -20.07
N VAL B 188 4.38 22.22 -20.74
CA VAL B 188 5.25 21.99 -21.88
C VAL B 188 6.38 23.00 -21.85
N THR B 189 7.60 22.52 -22.02
CA THR B 189 8.77 23.39 -22.02
C THR B 189 9.40 23.43 -23.39
N VAL B 190 9.72 24.63 -23.86
CA VAL B 190 10.33 24.80 -25.16
C VAL B 190 11.40 25.89 -25.09
N PRO B 191 12.27 25.97 -26.11
CA PRO B 191 13.33 26.98 -26.14
C PRO B 191 12.71 28.37 -26.22
N SER B 192 13.24 29.32 -25.45
CA SER B 192 12.71 30.69 -25.43
C SER B 192 12.32 31.21 -26.80
N SER B 193 13.19 30.99 -27.78
CA SER B 193 12.95 31.44 -29.14
C SER B 193 11.74 30.77 -29.78
N SER B 194 11.43 29.56 -29.32
CA SER B 194 10.31 28.77 -29.82
C SER B 194 8.98 29.53 -29.77
N ARG B 195 8.74 30.24 -28.68
CA ARG B 195 7.49 31.00 -28.55
C ARG B 195 7.78 32.41 -28.04
N PRO B 196 6.87 33.36 -28.32
CA PRO B 196 5.61 33.19 -29.07
C PRO B 196 5.84 33.12 -30.57
N SER B 197 7.10 32.98 -30.97
CA SER B 197 7.49 32.89 -32.37
C SER B 197 6.61 31.86 -33.08
N GLU B 198 6.68 30.62 -32.60
CA GLU B 198 5.88 29.54 -33.16
C GLU B 198 4.76 29.30 -32.17
N THR B 199 3.58 28.93 -32.68
CA THR B 199 2.43 28.70 -31.83
C THR B 199 2.53 27.38 -31.09
N VAL B 200 2.02 27.40 -29.88
CA VAL B 200 2.01 26.21 -29.03
C VAL B 200 0.57 26.11 -28.58
N THR B 201 -0.05 24.97 -28.87
CA THR B 201 -1.43 24.75 -28.51
C THR B 201 -1.66 23.43 -27.83
N CYS B 202 -2.58 23.40 -26.89
CA CYS B 202 -2.90 22.16 -26.20
C CYS B 202 -4.29 21.78 -26.70
N ASN B 203 -4.44 20.51 -27.06
CA ASN B 203 -5.69 20.01 -27.57
C ASN B 203 -6.19 19.06 -26.50
N VAL B 204 -7.40 19.29 -26.02
CA VAL B 204 -7.96 18.45 -24.97
C VAL B 204 -9.25 17.78 -25.39
N ALA B 205 -9.30 16.47 -25.21
CA ALA B 205 -10.47 15.68 -25.58
C ALA B 205 -11.13 14.99 -24.38
N HIS B 206 -12.44 15.13 -24.29
CA HIS B 206 -13.25 14.54 -23.21
C HIS B 206 -14.39 13.76 -23.84
N PRO B 207 -14.15 12.48 -24.17
CA PRO B 207 -15.11 11.56 -24.79
C PRO B 207 -16.46 11.50 -24.09
N ALA B 208 -16.44 11.44 -22.76
CA ALA B 208 -17.66 11.38 -21.99
C ALA B 208 -18.67 12.43 -22.44
N SER B 209 -18.28 13.70 -22.34
CA SER B 209 -19.16 14.79 -22.73
C SER B 209 -19.11 15.06 -24.22
N SER B 210 -18.35 14.26 -24.95
CA SER B 210 -18.23 14.44 -26.39
C SER B 210 -17.67 15.83 -26.68
N THR B 211 -16.58 16.19 -26.02
CA THR B 211 -16.01 17.52 -26.20
C THR B 211 -14.52 17.63 -26.48
N LYS B 212 -14.19 18.37 -27.53
CA LYS B 212 -12.81 18.63 -27.91
C LYS B 212 -12.63 20.14 -27.74
N VAL B 213 -11.47 20.53 -27.23
CA VAL B 213 -11.17 21.93 -27.00
C VAL B 213 -9.72 22.25 -27.26
N ASP B 214 -9.48 23.13 -28.21
CA ASP B 214 -8.14 23.58 -28.56
C ASP B 214 -7.91 24.95 -27.93
N LYS B 215 -6.73 25.14 -27.37
CA LYS B 215 -6.39 26.40 -26.75
C LYS B 215 -4.99 26.79 -27.16
N LYS B 216 -4.89 27.86 -27.93
CA LYS B 216 -3.60 28.34 -28.39
C LYS B 216 -3.07 29.23 -27.27
N ILE B 217 -1.82 29.01 -26.87
CA ILE B 217 -1.24 29.81 -25.81
C ILE B 217 -0.64 31.11 -26.32
N VAL B 218 -1.23 32.23 -25.93
CA VAL B 218 -0.74 33.53 -26.38
C VAL B 218 -0.13 34.28 -25.20
N PRO B 219 0.73 35.26 -25.49
CA PRO B 219 1.32 36.01 -24.37
C PRO B 219 0.25 36.78 -23.60
N ALA B 220 0.46 36.97 -22.30
CA ALA B 220 -0.50 37.70 -21.48
C ALA B 220 -0.21 39.19 -21.55
N ASP B 221 -1.24 40.00 -21.33
CA ASP B 221 -1.06 41.46 -21.36
C ASP B 221 -1.44 42.07 -20.01
N ASP C 1 -20.27 -5.98 -1.18
CA ASP C 1 -19.78 -5.43 0.11
C ASP C 1 -19.51 -3.95 0.02
N VAL C 2 -19.76 -3.25 1.11
CA VAL C 2 -19.52 -1.82 1.15
C VAL C 2 -18.02 -1.62 1.33
N VAL C 3 -17.36 -1.13 0.29
CA VAL C 3 -15.93 -0.92 0.35
C VAL C 3 -15.60 0.39 1.03
N MET C 4 -14.67 0.34 1.97
CA MET C 4 -14.26 1.55 2.66
C MET C 4 -12.91 1.97 2.10
N THR C 5 -12.76 3.26 1.83
CA THR C 5 -11.50 3.79 1.30
C THR C 5 -11.05 4.95 2.16
N GLN C 6 -9.84 4.86 2.69
CA GLN C 6 -9.31 5.93 3.54
C GLN C 6 -8.25 6.78 2.86
N THR C 7 -8.25 8.07 3.15
CA THR C 7 -7.27 8.99 2.59
C THR C 7 -6.80 9.96 3.65
N PRO C 8 -5.49 10.17 3.75
CA PRO C 8 -4.54 9.48 2.87
C PRO C 8 -4.25 8.11 3.46
N LEU C 9 -3.17 7.47 3.04
CA LEU C 9 -2.84 6.17 3.58
C LEU C 9 -1.75 6.29 4.65
N SER C 10 -0.96 7.34 4.53
CA SER C 10 0.14 7.62 5.44
C SER C 10 0.08 9.11 5.77
N LEU C 11 0.61 9.50 6.92
CA LEU C 11 0.54 10.90 7.31
C LEU C 11 1.54 11.24 8.41
N SER C 12 2.30 12.32 8.24
CA SER C 12 3.25 12.73 9.28
C SER C 12 2.96 14.16 9.69
N VAL C 13 2.60 14.35 10.95
CA VAL C 13 2.27 15.66 11.48
C VAL C 13 3.14 16.01 12.70
N SER C 14 3.34 17.29 12.94
CA SER C 14 4.15 17.76 14.07
C SER C 14 3.34 17.90 15.34
N LEU C 15 3.98 17.69 16.49
CA LEU C 15 3.27 17.82 17.76
C LEU C 15 2.52 19.14 17.82
N GLY C 16 1.37 19.14 18.48
CA GLY C 16 0.58 20.35 18.59
C GLY C 16 -0.23 20.67 17.35
N ASP C 17 0.13 20.03 16.24
CA ASP C 17 -0.55 20.23 14.97
C ASP C 17 -1.85 19.43 14.81
N GLN C 18 -2.49 19.62 13.67
CA GLN C 18 -3.72 18.91 13.35
C GLN C 18 -3.50 17.92 12.21
N ALA C 19 -4.15 16.77 12.34
CA ALA C 19 -4.07 15.72 11.34
C ALA C 19 -5.50 15.47 10.88
N SER C 20 -5.66 15.09 9.63
CA SER C 20 -6.99 14.86 9.10
C SER C 20 -7.06 13.58 8.26
N ILE C 21 -7.94 12.66 8.66
CA ILE C 21 -8.11 11.39 7.95
C ILE C 21 -9.50 11.30 7.30
N SER C 22 -9.54 10.78 6.09
CA SER C 22 -10.80 10.63 5.36
C SER C 22 -11.14 9.16 5.10
N CYS C 23 -12.43 8.87 5.07
CA CYS C 23 -12.92 7.52 4.84
C CYS C 23 -14.12 7.63 3.91
N ARG C 24 -14.03 7.01 2.74
CA ARG C 24 -15.13 7.05 1.79
C ARG C 24 -15.94 5.76 1.86
N SER C 25 -17.24 5.88 1.61
CA SER C 25 -18.12 4.72 1.64
C SER C 25 -18.70 4.45 0.26
N SER C 26 -18.60 3.21 -0.22
CA SER C 26 -19.13 2.90 -1.54
C SER C 26 -20.65 2.96 -1.55
N GLN C 27 -21.26 3.00 -0.36
CA GLN C 27 -22.70 3.08 -0.21
C GLN C 27 -23.05 3.94 0.99
N SER C 28 -24.17 4.64 0.95
CA SER C 28 -24.56 5.44 2.09
C SER C 28 -24.62 4.51 3.30
N LEU C 29 -24.09 4.97 4.42
CA LEU C 29 -24.10 4.18 5.66
C LEU C 29 -25.29 4.58 6.52
N VAL C 30 -26.20 5.36 5.95
CA VAL C 30 -27.38 5.77 6.70
C VAL C 30 -28.30 4.58 6.88
N HIS C 31 -28.32 4.03 8.09
CA HIS C 31 -29.19 2.89 8.37
C HIS C 31 -30.64 3.32 8.26
N SER C 32 -31.51 2.37 7.94
CA SER C 32 -32.93 2.66 7.83
C SER C 32 -33.53 3.22 9.13
N ASN C 33 -32.85 3.01 10.26
CA ASN C 33 -33.37 3.52 11.51
C ASN C 33 -32.96 4.97 11.70
N GLY C 34 -32.22 5.50 10.73
CA GLY C 34 -31.82 6.89 10.83
C GLY C 34 -30.39 7.08 11.26
N ASN C 35 -29.86 6.18 12.09
CA ASN C 35 -28.49 6.33 12.56
C ASN C 35 -27.50 6.00 11.45
N THR C 36 -26.28 6.51 11.62
CA THR C 36 -25.20 6.27 10.69
C THR C 36 -24.07 5.59 11.47
N TYR C 37 -23.98 4.27 11.32
CA TYR C 37 -22.99 3.51 12.05
C TYR C 37 -21.63 3.38 11.38
N LEU C 38 -20.85 4.45 11.51
CA LEU C 38 -19.51 4.54 10.97
C LEU C 38 -18.63 4.88 12.17
N HIS C 39 -17.54 4.13 12.38
CA HIS C 39 -16.69 4.41 13.53
C HIS C 39 -15.18 4.41 13.23
N TRP C 40 -14.41 4.96 14.16
CA TRP C 40 -12.97 5.01 13.99
C TRP C 40 -12.24 4.22 15.07
N TYR C 41 -11.28 3.41 14.64
CA TYR C 41 -10.49 2.62 15.56
C TYR C 41 -9.06 3.10 15.45
N LEU C 42 -8.31 2.99 16.55
CA LEU C 42 -6.91 3.36 16.55
C LEU C 42 -6.12 2.14 17.02
N GLN C 43 -5.20 1.70 16.19
CA GLN C 43 -4.38 0.57 16.57
C GLN C 43 -2.98 1.03 16.83
N LYS C 44 -2.60 1.08 18.10
CA LYS C 44 -1.25 1.49 18.46
C LYS C 44 -0.31 0.30 18.24
N PRO C 45 0.92 0.58 17.79
CA PRO C 45 1.93 -0.43 17.52
C PRO C 45 1.97 -1.50 18.60
N GLY C 46 1.81 -2.76 18.19
CA GLY C 46 1.85 -3.87 19.12
C GLY C 46 0.59 -4.09 19.92
N GLN C 47 -0.42 -3.24 19.74
CA GLN C 47 -1.67 -3.37 20.46
C GLN C 47 -2.82 -3.82 19.56
N SER C 48 -4.03 -3.78 20.09
CA SER C 48 -5.20 -4.14 19.31
C SER C 48 -6.07 -2.90 19.16
N PRO C 49 -6.87 -2.84 18.09
CA PRO C 49 -7.75 -1.72 17.81
C PRO C 49 -8.50 -1.20 19.03
N LYS C 50 -8.59 0.13 19.16
CA LYS C 50 -9.31 0.76 20.27
C LYS C 50 -10.43 1.63 19.70
N LEU C 51 -11.66 1.46 20.18
CA LEU C 51 -12.75 2.28 19.69
C LEU C 51 -12.49 3.73 20.07
N LEU C 52 -12.32 4.57 19.05
CA LEU C 52 -12.02 5.97 19.24
C LEU C 52 -13.26 6.87 19.11
N ILE C 53 -14.01 6.64 18.04
CA ILE C 53 -15.23 7.39 17.79
C ILE C 53 -16.20 6.48 17.06
N TYR C 54 -17.47 6.57 17.43
CA TYR C 54 -18.52 5.75 16.83
C TYR C 54 -19.75 6.57 16.46
N LYS C 55 -20.47 6.11 15.44
CA LYS C 55 -21.67 6.81 14.98
C LYS C 55 -21.27 8.18 14.48
N VAL C 56 -20.20 8.22 13.70
CA VAL C 56 -19.67 9.44 13.10
C VAL C 56 -18.91 10.40 14.02
N SER C 57 -19.50 10.78 15.15
CA SER C 57 -18.84 11.74 16.02
C SER C 57 -18.88 11.56 17.53
N SER C 58 -19.29 10.40 18.01
CA SER C 58 -19.37 10.16 19.44
C SER C 58 -18.06 9.58 19.95
N ARG C 59 -17.48 10.21 20.97
CA ARG C 59 -16.21 9.75 21.53
C ARG C 59 -16.34 8.59 22.52
N PHE C 60 -15.39 7.67 22.47
CA PHE C 60 -15.42 6.52 23.37
C PHE C 60 -14.53 6.77 24.58
N SER C 61 -14.39 5.75 25.43
CA SER C 61 -13.59 5.79 26.65
C SER C 61 -12.55 6.92 26.76
N GLY C 62 -11.28 6.57 26.59
CA GLY C 62 -10.23 7.57 26.69
C GLY C 62 -10.40 8.77 25.78
N PHE C 63 -9.70 8.70 24.65
CA PHE C 63 -9.71 9.74 23.62
C PHE C 63 -10.43 11.04 23.93
N PRO C 64 -9.66 12.10 24.21
CA PRO C 64 -10.14 13.44 24.53
C PRO C 64 -10.80 14.16 23.36
N ASP C 65 -11.32 15.35 23.64
CA ASP C 65 -12.01 16.16 22.65
C ASP C 65 -11.13 16.69 21.52
N ARG C 66 -9.84 16.40 21.55
CA ARG C 66 -8.97 16.86 20.47
C ARG C 66 -9.15 15.88 19.31
N PHE C 67 -9.99 14.89 19.55
CA PHE C 67 -10.35 13.87 18.58
C PHE C 67 -11.80 14.16 18.26
N SER C 68 -12.12 14.43 17.00
CA SER C 68 -13.50 14.70 16.63
C SER C 68 -13.79 14.05 15.29
N GLY C 69 -15.04 13.66 15.10
CA GLY C 69 -15.42 13.02 13.85
C GLY C 69 -16.63 13.67 13.19
N SER C 70 -16.66 13.66 11.87
CA SER C 70 -17.76 14.25 11.14
C SER C 70 -17.98 13.60 9.79
N GLY C 71 -19.12 13.88 9.19
CA GLY C 71 -19.43 13.32 7.89
C GLY C 71 -20.87 12.86 7.82
N SER C 72 -21.25 12.34 6.67
CA SER C 72 -22.60 11.86 6.47
C SER C 72 -22.65 11.15 5.14
N GLY C 73 -23.69 10.34 4.94
CA GLY C 73 -23.82 9.62 3.69
C GLY C 73 -22.65 8.68 3.45
N THR C 74 -21.71 9.10 2.59
CA THR C 74 -20.57 8.27 2.26
C THR C 74 -19.22 8.91 2.51
N ASP C 75 -19.22 10.19 2.88
CA ASP C 75 -17.95 10.83 3.16
C ASP C 75 -17.85 11.12 4.65
N PHE C 76 -16.73 10.76 5.24
CA PHE C 76 -16.53 10.98 6.66
C PHE C 76 -15.11 11.45 6.96
N THR C 77 -14.95 12.24 8.01
CA THR C 77 -13.64 12.76 8.37
C THR C 77 -13.33 12.66 9.86
N LEU C 78 -12.07 12.37 10.15
CA LEU C 78 -11.62 12.28 11.52
C LEU C 78 -10.52 13.32 11.62
N LYS C 79 -10.67 14.20 12.61
CA LYS C 79 -9.70 15.27 12.84
C LYS C 79 -9.05 15.12 14.22
N ILE C 80 -7.72 15.14 14.23
CA ILE C 80 -6.94 15.04 15.47
C ILE C 80 -6.31 16.41 15.76
N SER C 81 -6.94 17.18 16.63
CA SER C 81 -6.44 18.50 16.99
C SER C 81 -5.26 18.36 17.94
N ARG C 82 -4.29 19.26 17.80
CA ARG C 82 -3.10 19.26 18.66
C ARG C 82 -2.51 17.86 18.84
N VAL C 83 -1.89 17.35 17.79
CA VAL C 83 -1.29 16.02 17.81
C VAL C 83 -0.35 15.81 18.99
N GLU C 84 -0.23 14.54 19.38
CA GLU C 84 0.65 14.13 20.46
C GLU C 84 1.43 12.91 20.04
N ALA C 85 2.30 12.43 20.93
CA ALA C 85 3.13 11.27 20.65
C ALA C 85 2.31 9.99 20.71
N GLU C 86 1.42 9.91 21.70
CA GLU C 86 0.57 8.74 21.91
C GLU C 86 -0.41 8.56 20.77
N ASP C 87 -0.40 9.49 19.81
CA ASP C 87 -1.33 9.39 18.70
C ASP C 87 -0.82 8.59 17.50
N LEU C 88 0.50 8.38 17.43
CA LEU C 88 1.06 7.62 16.32
C LEU C 88 0.37 6.25 16.26
N GLY C 89 0.25 5.70 15.06
CA GLY C 89 -0.39 4.41 14.91
C GLY C 89 -1.19 4.33 13.63
N VAL C 90 -2.05 3.33 13.55
CA VAL C 90 -2.87 3.14 12.36
C VAL C 90 -4.34 3.28 12.72
N TYR C 91 -5.00 4.24 12.07
CA TYR C 91 -6.42 4.50 12.32
C TYR C 91 -7.26 3.82 11.25
N PHE C 92 -8.30 3.11 11.68
CA PHE C 92 -9.20 2.42 10.77
C PHE C 92 -10.61 2.97 10.94
N CYS C 93 -11.35 2.99 9.84
CA CYS C 93 -12.74 3.40 9.93
C CYS C 93 -13.47 2.08 9.73
N SER C 94 -14.72 2.02 10.13
CA SER C 94 -15.47 0.81 9.99
C SER C 94 -16.91 1.21 9.94
N GLN C 95 -17.73 0.37 9.32
CA GLN C 95 -19.15 0.61 9.22
C GLN C 95 -19.86 -0.63 9.72
N SER C 96 -20.95 -0.44 10.45
CA SER C 96 -21.73 -1.56 10.99
C SER C 96 -23.17 -1.45 10.52
N THR C 97 -23.42 -0.61 9.54
CA THR C 97 -24.76 -0.43 9.04
C THR C 97 -25.15 -1.62 8.18
N HIS C 98 -24.23 -2.05 7.32
CA HIS C 98 -24.44 -3.15 6.40
C HIS C 98 -23.67 -4.40 6.77
N VAL C 99 -24.24 -5.55 6.40
CA VAL C 99 -23.60 -6.85 6.62
C VAL C 99 -23.25 -7.45 5.26
N PRO C 100 -22.03 -7.97 5.10
CA PRO C 100 -20.96 -8.05 6.10
C PRO C 100 -20.44 -6.72 6.63
N PHE C 101 -19.89 -6.77 7.83
CA PHE C 101 -19.33 -5.60 8.49
C PHE C 101 -17.99 -5.37 7.80
N THR C 102 -17.67 -4.12 7.50
CA THR C 102 -16.42 -3.87 6.79
C THR C 102 -15.51 -2.83 7.39
N PHE C 103 -14.22 -2.94 7.08
CA PHE C 103 -13.21 -2.02 7.59
C PHE C 103 -12.41 -1.36 6.48
N GLY C 104 -11.80 -0.23 6.80
CA GLY C 104 -10.97 0.45 5.83
C GLY C 104 -9.60 -0.19 5.97
N SER C 105 -8.69 0.08 5.04
CA SER C 105 -7.35 -0.49 5.10
C SER C 105 -6.51 0.22 6.15
N GLY C 106 -7.08 1.27 6.74
CA GLY C 106 -6.37 2.02 7.75
C GLY C 106 -5.32 2.97 7.20
N THR C 107 -5.07 4.05 7.93
CA THR C 107 -4.08 5.04 7.53
C THR C 107 -3.07 5.15 8.66
N LYS C 108 -1.78 5.17 8.32
CA LYS C 108 -0.74 5.28 9.33
C LYS C 108 -0.41 6.74 9.62
N LEU C 109 -0.15 7.03 10.88
CA LEU C 109 0.17 8.37 11.33
C LEU C 109 1.55 8.42 11.96
N GLU C 110 2.48 9.12 11.29
CA GLU C 110 3.85 9.28 11.77
C GLU C 110 3.89 10.61 12.51
N ILE C 111 4.97 10.86 13.21
CA ILE C 111 5.14 12.12 13.93
C ILE C 111 6.38 12.80 13.38
N LYS C 112 6.25 14.07 13.00
CA LYS C 112 7.39 14.84 12.49
C LYS C 112 8.25 15.29 13.65
N ARG C 113 9.56 15.10 13.51
CA ARG C 113 10.48 15.50 14.54
C ARG C 113 11.85 15.76 13.96
N ALA C 114 12.76 16.26 14.79
CA ALA C 114 14.11 16.56 14.37
C ALA C 114 14.82 15.30 13.90
N ASP C 115 15.54 15.40 12.80
CA ASP C 115 16.27 14.25 12.28
C ASP C 115 17.18 13.77 13.40
N ALA C 116 17.34 12.45 13.51
CA ALA C 116 18.19 11.88 14.53
C ALA C 116 19.18 10.93 13.87
N GLY C 117 20.35 10.78 14.47
CA GLY C 117 21.35 9.89 13.91
C GLY C 117 21.32 8.49 14.48
N PRO C 118 21.54 7.46 13.65
CA PRO C 118 21.54 6.08 14.10
C PRO C 118 22.67 5.76 15.07
N THR C 119 22.35 4.95 16.07
CA THR C 119 23.30 4.52 17.08
C THR C 119 23.62 3.08 16.72
N VAL C 120 24.06 2.89 15.47
CA VAL C 120 24.39 1.56 14.96
C VAL C 120 25.42 0.78 15.76
N SER C 121 25.13 -0.49 15.99
CA SER C 121 26.02 -1.38 16.73
C SER C 121 26.20 -2.66 15.92
N SER C 122 27.42 -3.20 15.91
CA SER C 122 27.68 -4.42 15.17
C SER C 122 27.83 -5.54 16.18
N PHE C 123 27.45 -6.76 15.79
CA PHE C 123 27.52 -7.90 16.68
C PHE C 123 27.95 -9.19 15.98
N PRO C 124 29.12 -9.73 16.37
CA PRO C 124 29.68 -10.96 15.80
C PRO C 124 28.86 -12.20 16.18
N PRO C 125 29.03 -13.29 15.43
CA PRO C 125 28.30 -14.53 15.70
C PRO C 125 28.54 -14.96 17.15
N SER C 126 27.65 -15.78 17.69
CA SER C 126 27.81 -16.25 19.05
C SER C 126 28.53 -17.59 19.07
N SER C 127 29.17 -17.91 20.19
CA SER C 127 29.88 -19.18 20.34
C SER C 127 28.85 -20.26 20.05
N GLU C 128 27.78 -20.22 20.84
CA GLU C 128 26.69 -21.18 20.72
C GLU C 128 26.19 -21.38 19.30
N GLN C 129 25.96 -20.28 18.60
CA GLN C 129 25.49 -20.40 17.22
C GLN C 129 26.59 -21.06 16.39
N LEU C 130 27.82 -20.61 16.59
CA LEU C 130 28.96 -21.15 15.84
C LEU C 130 29.11 -22.65 16.04
N THR C 131 28.89 -23.10 17.27
CA THR C 131 29.02 -24.51 17.58
C THR C 131 28.01 -25.33 16.79
N SER C 132 26.88 -24.72 16.47
CA SER C 132 25.82 -25.41 15.74
C SER C 132 26.07 -25.47 14.24
N GLY C 133 27.22 -24.95 13.78
CA GLY C 133 27.53 -24.98 12.37
C GLY C 133 27.04 -23.81 11.56
N GLY C 134 26.54 -22.79 12.23
CA GLY C 134 26.05 -21.61 11.54
C GLY C 134 26.64 -20.33 12.10
N ALA C 135 26.44 -19.22 11.41
CA ALA C 135 26.99 -17.95 11.86
C ALA C 135 26.19 -16.76 11.33
N SER C 136 25.92 -15.81 12.21
CA SER C 136 25.18 -14.63 11.84
C SER C 136 25.76 -13.38 12.50
N VAL C 137 25.92 -12.33 11.70
CA VAL C 137 26.42 -11.08 12.23
C VAL C 137 25.24 -10.10 12.18
N VAL C 138 24.85 -9.64 13.36
CA VAL C 138 23.73 -8.72 13.49
C VAL C 138 24.23 -7.29 13.62
N CYS C 139 23.43 -6.35 13.11
CA CYS C 139 23.76 -4.94 13.20
C CYS C 139 22.49 -4.15 13.46
N PHE C 140 22.51 -3.30 14.47
CA PHE C 140 21.36 -2.48 14.79
C PHE C 140 21.56 -1.04 14.31
N LEU C 141 20.46 -0.33 14.09
CA LEU C 141 20.48 1.05 13.65
C LEU C 141 19.37 1.69 14.47
N ASN C 142 19.55 1.70 15.79
CA ASN C 142 18.53 2.22 16.70
C ASN C 142 18.26 3.72 16.71
N ASN C 143 17.11 4.04 17.28
CA ASN C 143 16.62 5.41 17.46
C ASN C 143 17.05 6.47 16.46
N PHE C 144 16.55 6.40 15.23
CA PHE C 144 16.90 7.36 14.21
C PHE C 144 15.63 7.94 13.57
N TYR C 145 15.81 8.92 12.69
CA TYR C 145 14.69 9.57 11.99
C TYR C 145 15.27 10.44 10.89
N PRO C 146 14.62 10.51 9.73
CA PRO C 146 13.37 9.83 9.32
C PRO C 146 13.52 8.32 9.15
N LYS C 147 12.40 7.66 8.85
CA LYS C 147 12.36 6.21 8.65
C LYS C 147 13.20 5.73 7.47
N ASP C 148 13.50 6.64 6.55
CA ASP C 148 14.30 6.30 5.38
C ASP C 148 15.71 5.91 5.79
N ILE C 149 16.18 4.75 5.33
CA ILE C 149 17.52 4.31 5.67
C ILE C 149 17.99 3.09 4.89
N ASN C 150 19.30 3.04 4.66
CA ASN C 150 19.90 1.94 3.92
C ASN C 150 21.03 1.32 4.73
N VAL C 151 21.20 0.00 4.59
CA VAL C 151 22.25 -0.72 5.28
C VAL C 151 23.00 -1.60 4.28
N LYS C 152 24.33 -1.55 4.33
CA LYS C 152 25.14 -2.34 3.42
C LYS C 152 26.19 -3.15 4.17
N TRP C 153 26.36 -4.42 3.80
CA TRP C 153 27.36 -5.28 4.43
C TRP C 153 28.48 -5.56 3.44
N LYS C 154 29.70 -5.66 3.96
CA LYS C 154 30.86 -5.93 3.13
C LYS C 154 31.80 -6.94 3.78
N ILE C 155 31.88 -8.14 3.23
CA ILE C 155 32.75 -9.17 3.77
C ILE C 155 34.16 -8.93 3.22
N ASP C 156 35.11 -8.69 4.12
CA ASP C 156 36.48 -8.41 3.72
C ASP C 156 36.51 -7.24 2.75
N GLY C 157 35.41 -6.48 2.72
CA GLY C 157 35.34 -5.34 1.83
C GLY C 157 34.39 -5.53 0.66
N SER C 158 34.09 -6.78 0.33
CA SER C 158 33.19 -7.06 -0.78
C SER C 158 31.73 -7.08 -0.35
N GLU C 159 30.93 -6.26 -1.01
CA GLU C 159 29.50 -6.14 -0.68
C GLU C 159 28.83 -7.50 -0.61
N ARG C 160 27.80 -7.58 0.22
CA ARG C 160 27.06 -8.82 0.42
C ARG C 160 25.55 -8.55 0.55
N GLN C 161 24.76 -9.13 -0.35
CA GLN C 161 23.31 -8.95 -0.31
C GLN C 161 22.55 -10.25 -0.10
N ASN C 162 23.27 -11.38 -0.17
CA ASN C 162 22.66 -12.69 0.03
C ASN C 162 22.81 -13.10 1.50
N GLY C 163 21.77 -13.69 2.06
CA GLY C 163 21.84 -14.10 3.45
C GLY C 163 21.64 -12.93 4.38
N VAL C 164 21.00 -11.88 3.87
CA VAL C 164 20.72 -10.68 4.65
C VAL C 164 19.22 -10.53 4.84
N LEU C 165 18.78 -10.26 6.06
CA LEU C 165 17.37 -10.07 6.37
C LEU C 165 17.20 -8.83 7.22
N ASN C 166 16.43 -7.87 6.74
CA ASN C 166 16.21 -6.62 7.46
C ASN C 166 14.83 -6.48 8.06
N SER C 167 14.75 -5.72 9.15
CA SER C 167 13.50 -5.50 9.87
C SER C 167 13.48 -4.13 10.57
N TRP C 168 12.44 -3.35 10.27
CA TRP C 168 12.31 -2.03 10.86
C TRP C 168 11.15 -2.07 11.85
N THR C 169 11.24 -1.24 12.88
CA THR C 169 10.17 -1.21 13.87
C THR C 169 9.25 -0.03 13.57
N ASP C 170 8.14 0.04 14.28
CA ASP C 170 7.21 1.16 14.11
C ASP C 170 7.79 2.34 14.89
N GLN C 171 7.34 3.54 14.59
CA GLN C 171 7.83 4.73 15.27
C GLN C 171 7.58 4.59 16.78
N ASP C 172 8.52 5.11 17.57
CA ASP C 172 8.41 5.05 19.02
C ASP C 172 7.59 6.22 19.55
N SER C 173 6.56 5.95 20.34
CA SER C 173 5.70 6.99 20.87
C SER C 173 6.34 7.79 22.00
N LYS C 174 7.52 7.35 22.44
CA LYS C 174 8.21 8.04 23.51
C LYS C 174 9.14 9.13 22.98
N ASP C 175 9.75 8.88 21.83
CA ASP C 175 10.68 9.84 21.23
C ASP C 175 10.50 10.03 19.72
N SER C 176 9.39 9.55 19.19
CA SER C 176 9.10 9.68 17.76
C SER C 176 10.21 9.16 16.85
N THR C 177 10.94 8.15 17.30
CA THR C 177 12.04 7.61 16.50
C THR C 177 11.75 6.23 15.88
N TYR C 178 12.66 5.77 15.03
CA TYR C 178 12.54 4.48 14.36
C TYR C 178 13.84 3.72 14.59
N SER C 179 13.81 2.41 14.37
CA SER C 179 14.99 1.58 14.52
C SER C 179 14.91 0.45 13.51
N MET C 180 16.04 -0.20 13.26
CA MET C 180 16.09 -1.29 12.31
C MET C 180 17.22 -2.25 12.60
N SER C 181 16.94 -3.54 12.43
CA SER C 181 17.93 -4.56 12.67
C SER C 181 18.30 -5.16 11.32
N SER C 182 19.56 -5.60 11.21
CA SER C 182 20.05 -6.19 9.98
C SER C 182 20.96 -7.36 10.32
N THR C 183 20.58 -8.53 9.84
CA THR C 183 21.35 -9.73 10.11
C THR C 183 21.90 -10.35 8.83
N LEU C 184 23.16 -10.79 8.90
CA LEU C 184 23.83 -11.42 7.78
C LEU C 184 24.16 -12.85 8.23
N THR C 185 23.58 -13.83 7.54
CA THR C 185 23.82 -15.22 7.89
C THR C 185 24.59 -15.99 6.83
N LEU C 186 25.46 -16.86 7.29
CA LEU C 186 26.31 -17.69 6.45
C LEU C 186 26.84 -18.87 7.29
N THR C 187 27.47 -19.83 6.63
CA THR C 187 28.02 -21.01 7.32
C THR C 187 29.31 -20.75 8.09
N LYS C 188 29.47 -21.46 9.21
CA LYS C 188 30.68 -21.34 10.02
C LYS C 188 31.86 -21.32 9.07
N ASP C 189 31.75 -22.11 8.00
CA ASP C 189 32.77 -22.20 6.98
C ASP C 189 33.07 -20.84 6.38
N GLU C 190 32.16 -20.38 5.51
CA GLU C 190 32.35 -19.10 4.85
C GLU C 190 32.76 -18.04 5.84
N TYR C 191 32.13 -18.05 7.01
CA TYR C 191 32.45 -17.06 8.03
C TYR C 191 33.94 -17.07 8.33
N GLU C 192 34.43 -18.21 8.80
CA GLU C 192 35.85 -18.36 9.13
C GLU C 192 36.68 -18.21 7.86
N ARG C 193 36.06 -18.53 6.72
CA ARG C 193 36.71 -18.45 5.41
C ARG C 193 37.16 -17.03 5.12
N HIS C 194 36.95 -16.13 6.08
CA HIS C 194 37.33 -14.73 5.91
C HIS C 194 37.79 -14.17 7.26
N ALA C 195 37.80 -12.84 7.39
CA ALA C 195 38.23 -12.22 8.64
C ALA C 195 37.85 -10.74 8.75
N SER C 196 36.86 -10.31 7.97
CA SER C 196 36.42 -8.93 8.02
C SER C 196 34.96 -8.77 7.60
N TYR C 197 34.21 -8.03 8.41
CA TYR C 197 32.80 -7.80 8.15
C TYR C 197 32.45 -6.37 8.56
N THR C 198 31.68 -5.68 7.72
CA THR C 198 31.32 -4.30 8.00
C THR C 198 29.85 -3.96 7.77
N CYS C 199 29.32 -3.08 8.62
CA CYS C 199 27.94 -2.62 8.55
C CYS C 199 27.99 -1.14 8.19
N GLU C 200 27.44 -0.77 7.04
CA GLU C 200 27.45 0.62 6.60
C GLU C 200 26.06 1.16 6.31
N ALA C 201 25.61 2.09 7.16
CA ALA C 201 24.28 2.67 7.01
C ALA C 201 24.28 4.03 6.34
N ALA C 202 23.34 4.21 5.41
CA ALA C 202 23.20 5.47 4.69
C ALA C 202 21.91 6.14 5.13
N HIS C 203 22.03 7.25 5.87
CA HIS C 203 20.86 7.98 6.35
C HIS C 203 20.98 9.47 6.05
N LYS C 204 19.82 10.13 5.97
CA LYS C 204 19.73 11.56 5.69
C LYS C 204 20.62 12.40 6.60
N THR C 205 20.66 12.05 7.88
CA THR C 205 21.46 12.79 8.84
C THR C 205 22.97 12.88 8.53
N SER C 206 23.42 12.21 7.47
CA SER C 206 24.84 12.26 7.13
C SER C 206 25.18 12.00 5.66
N THR C 207 26.38 12.43 5.26
CA THR C 207 26.86 12.26 3.89
C THR C 207 27.61 10.94 3.81
N SER C 208 28.66 10.82 4.61
CA SER C 208 29.46 9.60 4.65
C SER C 208 28.76 8.60 5.56
N PRO C 209 28.32 7.47 4.99
CA PRO C 209 27.61 6.44 5.77
C PRO C 209 28.35 6.07 7.05
N ILE C 210 27.58 5.80 8.11
CA ILE C 210 28.17 5.42 9.37
C ILE C 210 28.68 3.99 9.19
N ALA C 211 29.95 3.79 9.49
CA ALA C 211 30.53 2.47 9.31
C ALA C 211 31.02 1.82 10.60
N LYS C 212 30.48 0.63 10.88
CA LYS C 212 30.84 -0.16 12.04
C LYS C 212 31.28 -1.53 11.52
N SER C 213 32.29 -2.11 12.15
CA SER C 213 32.79 -3.42 11.74
C SER C 213 33.72 -4.01 12.80
N MET D 3 -12.08 -7.68 30.59
CA MET D 3 -12.08 -7.54 29.11
C MET D 3 -12.33 -8.87 28.40
N LEU D 4 -11.74 -9.02 27.21
CA LEU D 4 -11.87 -10.20 26.39
C LEU D 4 -10.54 -10.91 26.24
N VAL D 5 -10.49 -12.20 26.58
CA VAL D 5 -9.25 -12.94 26.46
C VAL D 5 -9.41 -14.17 25.57
N GLU D 6 -8.74 -14.13 24.43
CA GLU D 6 -8.79 -15.20 23.45
C GLU D 6 -7.74 -16.24 23.74
N SER D 7 -7.98 -17.43 23.22
CA SER D 7 -7.04 -18.54 23.38
C SER D 7 -7.39 -19.63 22.38
N GLY D 8 -6.51 -20.61 22.25
CA GLY D 8 -6.75 -21.70 21.32
C GLY D 8 -5.91 -21.54 20.08
N GLY D 9 -5.33 -20.37 19.88
CA GLY D 9 -4.50 -20.17 18.71
C GLY D 9 -3.52 -21.31 18.50
N GLY D 10 -3.20 -21.59 17.25
CA GLY D 10 -2.27 -22.66 16.97
C GLY D 10 -2.00 -22.86 15.49
N LEU D 11 -1.17 -23.85 15.20
CA LEU D 11 -0.81 -24.19 13.84
C LEU D 11 -1.57 -25.43 13.39
N VAL D 12 -2.37 -25.29 12.34
CA VAL D 12 -3.15 -26.41 11.82
C VAL D 12 -2.76 -26.62 10.37
N LYS D 13 -2.77 -27.87 9.94
CA LYS D 13 -2.44 -28.19 8.55
C LYS D 13 -3.68 -27.85 7.75
N PRO D 14 -3.52 -27.50 6.46
CA PRO D 14 -4.67 -27.16 5.63
C PRO D 14 -5.70 -28.30 5.67
N GLY D 15 -6.95 -27.94 5.88
CA GLY D 15 -8.00 -28.95 5.94
C GLY D 15 -8.33 -29.35 7.36
N GLY D 16 -7.48 -28.96 8.30
CA GLY D 16 -7.73 -29.32 9.69
C GLY D 16 -8.77 -28.42 10.30
N SER D 17 -8.98 -28.56 11.60
CA SER D 17 -9.93 -27.74 12.30
C SER D 17 -9.34 -27.30 13.62
N LEU D 18 -9.75 -26.12 14.09
CA LEU D 18 -9.26 -25.56 15.34
C LEU D 18 -10.42 -24.92 16.06
N LYS D 19 -10.36 -24.85 17.39
CA LYS D 19 -11.42 -24.24 18.18
C LYS D 19 -10.88 -23.10 19.03
N LEU D 20 -11.34 -21.89 18.76
CA LEU D 20 -10.88 -20.74 19.52
C LEU D 20 -11.82 -20.42 20.65
N SER D 21 -11.29 -19.78 21.68
CA SER D 21 -12.08 -19.41 22.83
C SER D 21 -11.78 -17.97 23.20
N CYS D 22 -12.76 -17.32 23.83
CA CYS D 22 -12.64 -15.93 24.25
C CYS D 22 -13.35 -15.78 25.58
N ALA D 23 -12.56 -15.63 26.64
CA ALA D 23 -13.12 -15.48 27.98
C ALA D 23 -13.46 -14.03 28.20
N ALA D 24 -14.68 -13.77 28.66
CA ALA D 24 -15.13 -12.41 28.90
C ALA D 24 -15.46 -12.11 30.35
N SER D 25 -15.16 -10.89 30.76
CA SER D 25 -15.41 -10.43 32.14
C SER D 25 -15.48 -8.91 32.18
N GLY D 26 -16.11 -8.37 33.21
CA GLY D 26 -16.20 -6.93 33.34
C GLY D 26 -17.50 -6.35 32.84
N PHE D 27 -18.48 -7.22 32.60
CA PHE D 27 -19.79 -6.80 32.12
C PHE D 27 -20.69 -8.02 31.98
N THR D 28 -21.98 -7.78 31.75
CA THR D 28 -22.91 -8.89 31.59
C THR D 28 -22.76 -9.47 30.19
N PHE D 29 -22.01 -10.57 30.10
CA PHE D 29 -21.74 -11.27 28.84
C PHE D 29 -22.97 -11.72 28.06
N SER D 30 -23.99 -12.23 28.77
CA SER D 30 -25.19 -12.73 28.11
C SER D 30 -26.12 -11.70 27.45
N SER D 31 -26.02 -10.43 27.83
CA SER D 31 -26.89 -9.43 27.23
C SER D 31 -26.18 -8.61 26.18
N TYR D 32 -25.26 -9.25 25.46
CA TYR D 32 -24.50 -8.62 24.39
C TYR D 32 -24.23 -9.61 23.24
N ALA D 33 -24.35 -9.13 22.02
CA ALA D 33 -24.04 -9.95 20.87
C ALA D 33 -22.51 -9.89 20.78
N MET D 34 -21.87 -10.97 20.34
CA MET D 34 -20.41 -11.00 20.25
C MET D 34 -19.95 -11.36 18.84
N SER D 35 -18.75 -10.93 18.47
CA SER D 35 -18.25 -11.19 17.13
C SER D 35 -16.78 -11.60 17.13
N TRP D 36 -16.36 -12.21 16.03
CA TRP D 36 -14.99 -12.61 15.84
C TRP D 36 -14.51 -11.88 14.59
N VAL D 37 -13.37 -11.20 14.71
CA VAL D 37 -12.80 -10.49 13.58
C VAL D 37 -11.36 -10.99 13.49
N ARG D 38 -10.82 -11.10 12.28
CA ARG D 38 -9.46 -11.55 12.17
C ARG D 38 -8.59 -10.49 11.53
N GLN D 39 -7.29 -10.50 11.82
CA GLN D 39 -6.40 -9.53 11.21
C GLN D 39 -5.33 -10.24 10.38
N THR D 40 -5.50 -10.18 9.07
CA THR D 40 -4.59 -10.81 8.13
C THR D 40 -3.16 -10.28 8.29
N PRO D 41 -2.17 -11.07 7.86
CA PRO D 41 -0.77 -10.62 7.97
C PRO D 41 -0.56 -9.35 7.16
N GLU D 42 -1.54 -9.02 6.33
CA GLU D 42 -1.45 -7.81 5.52
C GLU D 42 -1.99 -6.66 6.37
N ARG D 43 -2.38 -6.98 7.60
CA ARG D 43 -2.92 -6.01 8.55
C ARG D 43 -4.35 -5.60 8.22
N ARG D 44 -5.01 -6.41 7.41
CA ARG D 44 -6.40 -6.14 7.04
C ARG D 44 -7.36 -6.78 8.03
N LEU D 45 -8.34 -6.00 8.45
CA LEU D 45 -9.34 -6.46 9.39
C LEU D 45 -10.51 -7.04 8.64
N GLU D 46 -10.91 -8.26 8.97
CA GLU D 46 -12.03 -8.88 8.27
C GLU D 46 -12.97 -9.55 9.24
N TRP D 47 -14.21 -9.06 9.27
CA TRP D 47 -15.21 -9.62 10.14
C TRP D 47 -15.36 -11.08 9.74
N VAL D 48 -15.57 -11.96 10.70
CA VAL D 48 -15.64 -13.38 10.38
C VAL D 48 -16.84 -14.15 10.93
N ALA D 49 -17.53 -13.57 11.91
CA ALA D 49 -18.68 -14.24 12.48
C ALA D 49 -19.27 -13.46 13.65
N THR D 50 -20.56 -13.67 13.88
CA THR D 50 -21.25 -13.00 14.95
C THR D 50 -22.36 -13.83 15.54
N ILE D 51 -22.47 -13.78 16.86
CA ILE D 51 -23.54 -14.52 17.53
C ILE D 51 -24.37 -13.54 18.34
N THR D 52 -25.66 -13.76 18.26
CA THR D 52 -26.64 -12.93 18.91
C THR D 52 -26.96 -13.34 20.34
N THR D 53 -27.49 -12.39 21.07
CA THR D 53 -27.91 -12.60 22.43
C THR D 53 -28.84 -13.82 22.52
N ARG D 54 -29.75 -13.96 21.56
CA ARG D 54 -30.69 -15.07 21.58
C ARG D 54 -30.22 -16.31 20.83
N GLY D 55 -28.96 -16.29 20.37
CA GLY D 55 -28.45 -17.45 19.67
C GLY D 55 -28.50 -17.37 18.16
N TYR D 56 -29.03 -16.29 17.61
CA TYR D 56 -29.07 -16.15 16.15
C TYR D 56 -27.62 -16.05 15.70
N THR D 57 -27.35 -16.56 14.52
CA THR D 57 -26.00 -16.60 14.04
C THR D 57 -25.87 -16.19 12.58
N PHE D 58 -24.80 -15.45 12.25
CA PHE D 58 -24.56 -15.05 10.87
C PHE D 58 -23.09 -14.82 10.52
N TYR D 59 -22.74 -15.13 9.28
CA TYR D 59 -21.37 -15.01 8.82
C TYR D 59 -21.29 -14.48 7.40
N PRO D 60 -20.07 -14.13 6.95
CA PRO D 60 -19.92 -13.63 5.60
C PRO D 60 -19.64 -14.89 4.77
N ASP D 61 -19.95 -14.84 3.49
CA ASP D 61 -19.75 -15.97 2.59
C ASP D 61 -18.43 -16.74 2.66
N SER D 62 -17.33 -16.02 2.68
CA SER D 62 -15.99 -16.63 2.70
C SER D 62 -15.81 -17.67 3.79
N VAL D 63 -16.72 -17.67 4.74
CA VAL D 63 -16.63 -18.55 5.90
C VAL D 63 -17.76 -19.57 6.12
N LYS D 64 -18.86 -19.39 5.39
CA LYS D 64 -19.99 -20.29 5.57
C LYS D 64 -19.70 -21.78 5.35
N GLY D 65 -20.30 -22.61 6.20
CA GLY D 65 -20.11 -24.04 6.11
C GLY D 65 -18.76 -24.47 6.63
N ARG D 66 -18.04 -23.55 7.26
CA ARG D 66 -16.71 -23.87 7.79
C ARG D 66 -16.50 -23.41 9.24
N PHE D 67 -17.14 -22.29 9.61
CA PHE D 67 -17.02 -21.73 10.95
C PHE D 67 -18.34 -21.72 11.71
N THR D 68 -18.24 -21.89 13.03
CA THR D 68 -19.43 -21.88 13.87
C THR D 68 -19.20 -21.11 15.17
N VAL D 69 -19.95 -20.03 15.35
CA VAL D 69 -19.85 -19.21 16.56
C VAL D 69 -20.84 -19.77 17.56
N SER D 70 -20.45 -19.81 18.83
CA SER D 70 -21.34 -20.27 19.88
C SER D 70 -20.94 -19.54 21.14
N ARG D 71 -21.88 -19.48 22.08
CA ARG D 71 -21.62 -18.81 23.33
C ARG D 71 -22.06 -19.67 24.49
N ASP D 72 -21.25 -19.68 25.53
CA ASP D 72 -21.55 -20.44 26.71
C ASP D 72 -21.76 -19.41 27.80
N ASN D 73 -22.99 -18.96 27.95
CA ASN D 73 -23.30 -17.95 28.94
C ASN D 73 -22.93 -18.37 30.36
N ALA D 74 -22.88 -19.68 30.59
CA ALA D 74 -22.52 -20.20 31.90
C ALA D 74 -21.10 -19.77 32.24
N ARG D 75 -20.16 -20.27 31.45
CA ARG D 75 -18.75 -19.96 31.64
C ARG D 75 -18.41 -18.62 31.06
N ASN D 76 -19.42 -17.85 30.65
CA ASN D 76 -19.17 -16.53 30.06
C ASN D 76 -18.17 -16.63 28.92
N THR D 77 -18.38 -17.59 28.02
CA THR D 77 -17.47 -17.81 26.91
C THR D 77 -18.10 -17.72 25.53
N LEU D 78 -17.29 -17.25 24.58
CA LEU D 78 -17.66 -17.14 23.17
C LEU D 78 -16.66 -18.04 22.48
N ASN D 79 -17.14 -18.97 21.67
CA ASN D 79 -16.22 -19.89 20.98
C ASN D 79 -16.29 -19.77 19.46
N LEU D 80 -15.32 -20.36 18.79
CA LEU D 80 -15.27 -20.33 17.34
C LEU D 80 -14.72 -21.65 16.78
N GLN D 81 -15.61 -22.50 16.29
CA GLN D 81 -15.18 -23.77 15.70
C GLN D 81 -14.82 -23.52 14.24
N MET D 82 -13.60 -23.83 13.86
CA MET D 82 -13.17 -23.62 12.48
C MET D 82 -12.88 -24.98 11.85
N SER D 83 -13.37 -25.19 10.63
CA SER D 83 -13.16 -26.46 9.94
C SER D 83 -12.70 -26.20 8.53
N SER D 84 -12.08 -27.20 7.92
CA SER D 84 -11.60 -27.08 6.55
C SER D 84 -10.79 -25.81 6.43
N LEU D 85 -9.89 -25.61 7.37
CA LEU D 85 -9.05 -24.43 7.36
C LEU D 85 -8.23 -24.39 6.08
N ARG D 86 -7.91 -23.19 5.62
CA ARG D 86 -7.13 -23.00 4.41
C ARG D 86 -5.98 -22.07 4.72
N SER D 87 -4.90 -22.19 3.97
CA SER D 87 -3.76 -21.34 4.26
C SER D 87 -4.15 -19.86 4.36
N GLU D 88 -5.04 -19.38 3.49
CA GLU D 88 -5.39 -17.97 3.58
C GLU D 88 -6.20 -17.63 4.84
N ASP D 89 -6.46 -18.63 5.67
CA ASP D 89 -7.20 -18.39 6.90
C ASP D 89 -6.30 -17.81 7.99
N THR D 90 -5.00 -18.10 7.91
CA THR D 90 -4.08 -17.64 8.93
C THR D 90 -4.19 -16.14 9.21
N ALA D 91 -4.31 -15.83 10.49
CA ALA D 91 -4.45 -14.46 10.94
C ALA D 91 -4.58 -14.43 12.45
N MET D 92 -4.55 -13.22 13.00
CA MET D 92 -4.70 -12.99 14.44
C MET D 92 -6.20 -12.86 14.67
N PHE D 93 -6.80 -13.82 15.36
CA PHE D 93 -8.23 -13.76 15.64
C PHE D 93 -8.57 -13.05 16.94
N TYR D 94 -9.44 -12.04 16.82
CA TYR D 94 -9.88 -11.27 17.97
C TYR D 94 -11.37 -11.48 18.22
N CYS D 95 -11.79 -11.33 19.48
CA CYS D 95 -13.21 -11.40 19.76
C CYS D 95 -13.56 -9.97 20.13
N THR D 96 -14.77 -9.56 19.82
CA THR D 96 -15.20 -8.22 20.09
C THR D 96 -16.64 -8.24 20.58
N ARG D 97 -17.03 -7.14 21.20
CA ARG D 97 -18.37 -7.00 21.73
C ARG D 97 -19.16 -5.95 20.98
N GLU D 98 -20.41 -6.26 20.67
CA GLU D 98 -21.26 -5.29 20.01
C GLU D 98 -21.72 -4.45 21.19
N GLY D 99 -20.99 -3.38 21.47
CA GLY D 99 -21.28 -2.52 22.60
C GLY D 99 -22.59 -1.77 22.79
N LEU D 100 -23.02 -1.01 21.79
CA LEU D 100 -24.26 -0.23 21.90
C LEU D 100 -25.46 -1.10 22.28
N LEU D 101 -25.60 -1.33 23.59
CA LEU D 101 -26.64 -2.20 24.13
C LEU D 101 -28.01 -2.28 23.47
N LEU D 102 -28.84 -1.25 23.56
CA LEU D 102 -30.14 -1.41 22.88
C LEU D 102 -30.20 -0.58 21.61
N ASP D 103 -29.14 -0.66 20.79
CA ASP D 103 -29.05 0.10 19.54
C ASP D 103 -27.95 -0.40 18.59
N TYR D 104 -28.37 -1.13 17.56
CA TYR D 104 -27.51 -1.70 16.53
C TYR D 104 -26.06 -2.13 16.80
N PHE D 105 -25.50 -2.85 15.82
CA PHE D 105 -24.13 -3.36 15.87
C PHE D 105 -23.12 -2.23 15.77
N THR D 106 -21.99 -2.44 16.44
CA THR D 106 -20.84 -1.54 16.50
C THR D 106 -19.94 -2.23 17.50
N MET D 107 -18.71 -2.54 17.09
CA MET D 107 -17.80 -3.24 17.97
C MET D 107 -17.14 -2.32 18.99
N ASP D 108 -17.34 -2.71 20.24
CA ASP D 108 -16.88 -2.04 21.45
C ASP D 108 -15.42 -2.29 21.73
N TYR D 109 -15.19 -3.35 22.51
CA TYR D 109 -13.87 -3.76 22.93
C TYR D 109 -13.39 -4.95 22.13
N TRP D 110 -12.07 -5.11 22.08
CA TRP D 110 -11.41 -6.22 21.38
C TRP D 110 -10.51 -6.93 22.39
N GLY D 111 -10.21 -8.20 22.13
CA GLY D 111 -9.34 -8.94 23.01
C GLY D 111 -7.88 -8.73 22.62
N GLN D 112 -6.99 -9.55 23.18
CA GLN D 112 -5.56 -9.48 22.90
C GLN D 112 -5.29 -10.16 21.56
N GLY D 113 -6.24 -10.99 21.14
CA GLY D 113 -6.09 -11.71 19.90
C GLY D 113 -5.32 -13.00 20.13
N THR D 114 -5.60 -14.00 19.32
CA THR D 114 -4.91 -15.29 19.41
C THR D 114 -4.48 -15.65 17.98
N SER D 115 -3.23 -16.08 17.85
CA SER D 115 -2.67 -16.37 16.54
C SER D 115 -2.88 -17.77 15.97
N VAL D 116 -3.34 -17.84 14.72
CA VAL D 116 -3.52 -19.13 14.06
C VAL D 116 -2.79 -19.15 12.71
N THR D 117 -2.01 -20.21 12.49
CA THR D 117 -1.27 -20.38 11.25
C THR D 117 -1.73 -21.68 10.60
N VAL D 118 -2.10 -21.59 9.32
CA VAL D 118 -2.55 -22.74 8.56
C VAL D 118 -1.43 -23.04 7.58
N SER D 119 -0.66 -24.10 7.84
CA SER D 119 0.45 -24.41 6.96
C SER D 119 0.90 -25.86 7.08
N SER D 120 1.52 -26.38 6.03
CA SER D 120 2.02 -27.76 6.02
C SER D 120 3.39 -27.79 6.66
N ALA D 121 3.97 -26.61 6.83
CA ALA D 121 5.27 -26.47 7.45
C ALA D 121 5.16 -27.00 8.87
N LYS D 122 6.27 -27.52 9.40
CA LYS D 122 6.25 -28.05 10.74
C LYS D 122 6.79 -27.08 11.80
N THR D 123 6.22 -27.17 12.99
CA THR D 123 6.63 -26.31 14.10
C THR D 123 8.08 -26.62 14.48
N THR D 124 8.89 -25.56 14.56
CA THR D 124 10.30 -25.65 14.90
C THR D 124 10.70 -24.79 16.10
N PRO D 125 11.39 -25.38 17.07
CA PRO D 125 11.79 -24.60 18.24
C PRO D 125 12.81 -23.56 17.84
N PRO D 126 12.84 -22.43 18.57
CA PRO D 126 13.82 -21.41 18.20
C PRO D 126 15.15 -21.65 18.89
N SER D 127 16.19 -20.99 18.40
CA SER D 127 17.52 -21.06 18.98
C SER D 127 17.75 -19.65 19.48
N VAL D 128 18.17 -19.49 20.73
CA VAL D 128 18.38 -18.15 21.25
C VAL D 128 19.85 -17.84 21.41
N TYR D 129 20.37 -16.93 20.59
CA TYR D 129 21.78 -16.57 20.66
C TYR D 129 22.01 -15.21 21.32
N PRO D 130 23.06 -15.11 22.16
CA PRO D 130 23.44 -13.90 22.89
C PRO D 130 24.15 -12.92 21.97
N LEU D 131 23.80 -11.65 22.08
CA LEU D 131 24.41 -10.63 21.26
C LEU D 131 25.11 -9.64 22.19
N ALA D 132 26.39 -9.91 22.48
CA ALA D 132 27.18 -9.05 23.35
C ALA D 132 28.27 -8.38 22.53
N PRO D 133 28.66 -7.16 22.92
CA PRO D 133 29.71 -6.47 22.18
C PRO D 133 31.07 -6.97 22.61
N MET D 142 26.53 4.40 27.28
CA MET D 142 25.37 3.52 27.00
C MET D 142 25.77 2.31 26.16
N VAL D 143 25.61 1.12 26.74
CA VAL D 143 25.94 -0.11 26.03
C VAL D 143 24.67 -0.77 25.51
N THR D 144 24.79 -1.49 24.39
CA THR D 144 23.63 -2.14 23.79
C THR D 144 23.77 -3.65 23.59
N LEU D 145 22.98 -4.40 24.36
CA LEU D 145 22.97 -5.85 24.28
C LEU D 145 21.83 -6.37 23.41
N GLY D 146 22.01 -7.56 22.84
CA GLY D 146 20.98 -8.12 21.99
C GLY D 146 20.80 -9.62 22.13
N CYS D 147 19.69 -10.10 21.60
CA CYS D 147 19.34 -11.52 21.62
C CYS D 147 18.90 -11.88 20.20
N LEU D 148 19.36 -13.02 19.69
CA LEU D 148 19.01 -13.44 18.33
C LEU D 148 18.14 -14.70 18.35
N VAL D 149 16.85 -14.54 18.09
CA VAL D 149 15.89 -15.64 18.07
C VAL D 149 15.83 -16.14 16.63
N LYS D 150 16.44 -17.30 16.40
CA LYS D 150 16.54 -17.85 15.06
C LYS D 150 15.92 -19.22 14.78
N GLY D 151 15.51 -19.39 13.53
CA GLY D 151 14.95 -20.64 13.05
C GLY D 151 13.72 -21.26 13.68
N TYR D 152 12.72 -20.45 14.02
CA TYR D 152 11.54 -21.02 14.62
C TYR D 152 10.29 -20.93 13.75
N PHE D 153 9.30 -21.75 14.09
CA PHE D 153 8.04 -21.79 13.39
C PHE D 153 7.00 -22.51 14.26
N PRO D 154 5.78 -21.99 14.27
CA PRO D 154 5.34 -20.80 13.53
C PRO D 154 5.50 -19.58 14.43
N GLU D 155 4.72 -18.55 14.15
CA GLU D 155 4.73 -17.35 14.97
C GLU D 155 3.62 -17.63 15.96
N PRO D 156 3.56 -16.88 17.07
CA PRO D 156 4.49 -15.81 17.44
C PRO D 156 5.48 -16.26 18.50
N VAL D 157 6.30 -15.33 18.94
CA VAL D 157 7.28 -15.57 19.97
C VAL D 157 7.33 -14.29 20.81
N THR D 158 7.43 -14.42 22.13
CA THR D 158 7.49 -13.22 22.96
C THR D 158 8.90 -13.03 23.51
N VAL D 159 9.29 -11.76 23.68
CA VAL D 159 10.62 -11.44 24.19
C VAL D 159 10.55 -10.37 25.26
N THR D 160 11.14 -10.67 26.41
CA THR D 160 11.18 -9.71 27.51
C THR D 160 12.60 -9.69 28.04
N TRP D 161 12.96 -8.62 28.72
CA TRP D 161 14.30 -8.53 29.30
C TRP D 161 14.19 -8.46 30.80
N ASN D 162 14.97 -9.30 31.48
CA ASN D 162 14.95 -9.36 32.92
C ASN D 162 13.49 -9.48 33.33
N SER D 163 12.82 -10.44 32.70
CA SER D 163 11.41 -10.72 32.98
C SER D 163 10.53 -9.47 32.82
N GLY D 164 10.97 -8.53 31.99
CA GLY D 164 10.20 -7.32 31.79
C GLY D 164 10.73 -6.11 32.56
N SER D 165 11.60 -6.35 33.54
CA SER D 165 12.18 -5.28 34.33
C SER D 165 12.66 -4.18 33.39
N LEU D 166 13.32 -4.60 32.32
CA LEU D 166 13.84 -3.70 31.31
C LEU D 166 12.76 -3.41 30.28
N SER D 167 12.55 -2.13 30.00
CA SER D 167 11.55 -1.73 29.03
C SER D 167 12.12 -0.58 28.23
N SER D 168 12.70 0.38 28.94
CA SER D 168 13.29 1.52 28.29
C SER D 168 14.44 1.04 27.41
N GLY D 169 14.58 1.66 26.24
CA GLY D 169 15.65 1.29 25.34
C GLY D 169 15.60 -0.15 24.88
N VAL D 170 14.40 -0.66 24.68
CA VAL D 170 14.22 -2.03 24.23
C VAL D 170 13.65 -1.97 22.81
N HIS D 171 14.24 -2.73 21.89
CA HIS D 171 13.79 -2.76 20.51
C HIS D 171 13.67 -4.17 19.96
N THR D 172 12.49 -4.78 20.11
CA THR D 172 12.31 -6.13 19.58
C THR D 172 11.77 -5.92 18.18
N PHE D 173 12.48 -6.45 17.19
CA PHE D 173 12.08 -6.29 15.80
C PHE D 173 11.13 -7.38 15.29
N PRO D 174 10.34 -7.06 14.25
CA PRO D 174 9.40 -8.02 13.68
C PRO D 174 10.16 -9.16 13.02
N ALA D 175 9.73 -10.40 13.29
CA ALA D 175 10.41 -11.56 12.70
C ALA D 175 10.32 -11.52 11.18
N VAL D 176 11.25 -12.21 10.54
CA VAL D 176 11.28 -12.28 9.09
C VAL D 176 11.15 -13.74 8.68
N LEU D 177 10.61 -13.97 7.48
CA LEU D 177 10.42 -15.32 6.99
C LEU D 177 11.36 -15.51 5.80
N GLN D 178 12.22 -16.51 5.86
CA GLN D 178 13.18 -16.79 4.79
C GLN D 178 12.81 -18.06 4.03
N SER D 179 12.28 -19.04 4.75
CA SER D 179 11.86 -20.30 4.14
C SER D 179 10.56 -20.73 4.82
N ASP D 180 10.71 -21.50 5.89
CA ASP D 180 9.56 -21.96 6.65
C ASP D 180 9.93 -21.72 8.10
N LEU D 181 10.85 -20.78 8.30
CA LEU D 181 11.30 -20.45 9.65
C LEU D 181 11.42 -18.95 9.86
N TYR D 182 11.09 -18.51 11.06
CA TYR D 182 11.17 -17.10 11.36
C TYR D 182 12.47 -16.82 12.09
N THR D 183 12.82 -15.55 12.17
CA THR D 183 14.02 -15.08 12.86
C THR D 183 13.81 -13.63 13.29
N LEU D 184 13.90 -13.39 14.60
CA LEU D 184 13.77 -12.04 15.10
C LEU D 184 14.91 -11.74 16.07
N SER D 185 15.21 -10.46 16.22
CA SER D 185 16.25 -10.04 17.12
C SER D 185 15.67 -8.99 18.04
N SER D 186 16.32 -8.75 19.17
CA SER D 186 15.86 -7.75 20.10
C SER D 186 17.07 -7.13 20.77
N SER D 187 17.03 -5.82 20.98
CA SER D 187 18.16 -5.17 21.61
C SER D 187 17.73 -4.36 22.82
N VAL D 188 18.68 -4.14 23.71
CA VAL D 188 18.42 -3.37 24.91
C VAL D 188 19.60 -2.44 25.12
N THR D 189 19.34 -1.28 25.70
CA THR D 189 20.41 -0.33 25.98
C THR D 189 20.37 -0.01 27.47
N VAL D 190 21.53 -0.03 28.10
CA VAL D 190 21.62 0.27 29.53
C VAL D 190 22.84 1.11 29.83
N PRO D 191 22.88 1.71 31.03
CA PRO D 191 24.03 2.54 31.40
C PRO D 191 25.28 1.69 31.30
N SER D 192 26.31 2.23 30.64
CA SER D 192 27.57 1.51 30.47
C SER D 192 27.98 0.80 31.75
N SER D 193 27.70 1.44 32.88
CA SER D 193 28.04 0.89 34.19
C SER D 193 27.01 -0.13 34.68
N SER D 194 25.97 -0.37 33.89
CA SER D 194 24.94 -1.34 34.26
C SER D 194 25.46 -2.75 34.02
N ARG D 195 26.25 -2.92 32.97
CA ARG D 195 26.81 -4.23 32.64
C ARG D 195 28.31 -4.10 32.42
N PRO D 196 29.07 -5.17 32.71
CA PRO D 196 28.60 -6.45 33.24
C PRO D 196 28.21 -6.36 34.71
N SER D 197 28.24 -5.15 35.24
CA SER D 197 27.90 -4.90 36.63
C SER D 197 26.67 -5.69 37.04
N GLU D 198 25.52 -5.29 36.52
CA GLU D 198 24.26 -5.96 36.80
C GLU D 198 24.02 -6.98 35.71
N THR D 199 23.17 -7.96 35.98
CA THR D 199 22.88 -8.98 34.98
C THR D 199 21.79 -8.58 34.01
N VAL D 200 21.99 -8.93 32.74
CA VAL D 200 21.05 -8.64 31.66
C VAL D 200 20.74 -9.95 30.92
N THR D 201 19.54 -10.49 31.17
CA THR D 201 19.07 -11.74 30.58
C THR D 201 17.80 -11.57 29.75
N CYS D 202 17.83 -12.01 28.50
CA CYS D 202 16.64 -11.93 27.66
C CYS D 202 15.83 -13.22 27.73
N ASN D 203 14.52 -13.08 27.91
CA ASN D 203 13.64 -14.23 28.00
C ASN D 203 12.71 -14.31 26.79
N VAL D 204 12.82 -15.41 26.05
CA VAL D 204 12.01 -15.62 24.85
C VAL D 204 11.06 -16.81 25.04
N ALA D 205 9.80 -16.63 24.60
CA ALA D 205 8.77 -17.65 24.72
C ALA D 205 8.19 -18.06 23.37
N HIS D 206 8.13 -19.37 23.13
CA HIS D 206 7.60 -19.91 21.88
C HIS D 206 6.49 -20.93 22.19
N PRO D 207 5.25 -20.44 22.40
CA PRO D 207 4.07 -21.23 22.71
C PRO D 207 3.91 -22.49 21.85
N ALA D 208 3.97 -22.31 20.54
CA ALA D 208 3.82 -23.43 19.62
C ALA D 208 4.65 -24.63 20.05
N SER D 209 5.95 -24.45 20.21
CA SER D 209 6.78 -25.56 20.61
C SER D 209 6.87 -25.74 22.12
N SER D 210 6.05 -25.01 22.87
CA SER D 210 6.11 -25.12 24.32
C SER D 210 7.58 -24.94 24.74
N THR D 211 8.14 -23.77 24.48
CA THR D 211 9.55 -23.56 24.79
C THR D 211 9.89 -22.23 25.45
N LYS D 212 10.58 -22.30 26.58
CA LYS D 212 11.01 -21.08 27.28
C LYS D 212 12.53 -21.09 27.35
N VAL D 213 13.16 -20.02 26.88
CA VAL D 213 14.62 -19.94 26.91
C VAL D 213 15.10 -18.61 27.48
N ASP D 214 15.99 -18.68 28.47
CA ASP D 214 16.56 -17.49 29.08
C ASP D 214 18.03 -17.44 28.67
N LYS D 215 18.52 -16.24 28.41
CA LYS D 215 19.92 -16.07 28.01
C LYS D 215 20.55 -14.88 28.73
N LYS D 216 21.51 -15.20 29.58
CA LYS D 216 22.24 -14.20 30.34
C LYS D 216 23.30 -13.68 29.38
N ILE D 217 23.41 -12.37 29.28
CA ILE D 217 24.37 -11.76 28.38
C ILE D 217 25.67 -11.51 29.11
N VAL D 218 26.76 -12.07 28.60
CA VAL D 218 28.06 -11.89 29.22
C VAL D 218 29.04 -11.26 28.23
N PRO D 219 30.14 -10.69 28.75
CA PRO D 219 31.17 -10.07 27.91
C PRO D 219 31.97 -11.15 27.22
C1 GA4 E . -5.90 -22.25 -21.68
C2 GA4 E . -5.05 -22.06 -22.94
C3 GA4 E . -5.79 -22.32 -24.29
O31 GA4 E . -6.40 -21.09 -24.65
C4 GA4 E . -6.88 -23.49 -24.23
C5 GA4 E . -7.83 -23.20 -23.01
C6 GA4 E . -9.04 -24.14 -22.77
C7 GA4 E . -10.32 -23.48 -23.25
O71 GA4 E . -10.74 -22.34 -23.08
O72 GA4 E . -11.11 -24.32 -23.99
C8 GA4 E . -9.05 -24.50 -21.25
C9 GA4 E . -7.78 -23.75 -20.63
C10 GA4 E . -6.86 -23.44 -21.83
C11 GA4 E . -7.01 -24.53 -19.53
C12 GA4 E . -7.77 -25.65 -18.80
C13 GA4 E . -9.05 -26.12 -19.51
C14 GA4 E . -8.92 -26.04 -21.06
C15 GA4 E . -10.30 -24.18 -20.37
C16 GA4 E . -10.25 -25.24 -19.27
C17 GA4 E . -11.13 -25.35 -18.28
C18 GA4 E . -7.55 -23.67 -25.57
C19 GA4 E . -6.13 -24.72 -23.67
O91 GA4 E . -5.59 -25.68 -24.20
O92 GA4 E . -6.12 -24.67 -22.26
C1 GA4 F . -27.42 -6.84 21.70
C2 GA4 F . -27.65 -6.38 23.14
C3 GA4 F . -28.99 -6.84 23.79
O31 GA4 F . -28.73 -8.11 24.37
C4 GA4 F . -30.21 -6.93 22.76
C5 GA4 F . -29.75 -7.78 21.52
C6 GA4 F . -30.78 -8.11 20.40
C7 GA4 F . -31.27 -9.54 20.53
O71 GA4 F . -30.64 -10.60 20.48
O72 GA4 F . -32.61 -9.63 20.76
C8 GA4 F . -30.09 -7.79 19.03
C9 GA4 F . -28.63 -7.26 19.42
C10 GA4 F . -28.71 -6.82 20.88
C11 GA4 F . -28.08 -6.10 18.53
C12 GA4 F . -28.72 -5.91 17.14
C13 GA4 F . -30.08 -6.63 16.96
C14 GA4 F . -30.89 -6.68 18.26
C15 GA4 F . -29.94 -8.88 17.93
C16 GA4 F . -29.93 -8.09 16.61
C17 GA4 F . -29.82 -8.61 15.39
C18 GA4 F . -31.47 -7.40 23.47
C19 GA4 F . -30.30 -5.54 22.10
O91 GA4 F . -30.95 -4.53 22.34
O92 GA4 F . -29.41 -5.49 21.01
#